data_7XW8
#
_entry.id   7XW8
#
_cell.length_a   184.727
_cell.length_b   184.727
_cell.length_c   108.937
_cell.angle_alpha   90.000
_cell.angle_beta   90.000
_cell.angle_gamma   120.000
#
_symmetry.space_group_name_H-M   'P 61 2 2'
#
loop_
_entity.id
_entity.type
_entity.pdbx_description
1 polymer 'Lysine-specific histone demethylase 1A'
2 non-polymer GLYCEROL
3 non-polymer 'MAGNESIUM ION'
4 non-polymer '[[(2R,3S,4S)-5-[(4AS)-7,8-DIMETHYL-2,4-DIOXO-4A,5-DIHYDROBENZO[G]PTERIDIN-10-YL]-2,3,4-TRIHYDROXY-PENTOXY]-HYDROXY-PHOSPHORYL] [(2R,3S,4R,5R)-5-(6-AMINOPURIN-9-YL)-3,4-DIHYDROXY-OXOLAN-2-YL]METHYL HYDROGEN PHOSPHATE'
5 non-polymer ~{N}-(oxan-4-yl)-5-(3-oxidanylidenepropyl)thiophene-3-carboxamide
6 water water
#
_entity_poly.entity_id   1
_entity_poly.type   'polypeptide(L)'
_entity_poly.pdbx_seq_one_letter_code
;GGSSGVEGAAFQSRLPHDRMTSQEAACFPDIISGPQQTQKVFLFIRNRTLQLWLDNPKIQLTFEATLQQLEAPYNSDTVL
VHRVHSYLERHGLINFGIYKRIKPLPTKKTGKVIIIGSGVSGLAAARQLQSFGMDVTLLEARDRVGGRVATFRKGNYVAD
LGAMVVTGLGGNPMAVVSKQVNMELAKIKQKCPLYEANGQAVPKEKDEMVEQEFNRLLEATSYLSHQLDFNVLNNKPVSL
GQALEVVIQLQEKHVKDEQIEHWKKIVKTQEELKELLNKMVNLKEKIKELHQQYKEASEVKPPRDITAEFLVKSKHRDLT
ALCKEYDELAETQGKLEEKLQELEANPPSDVYLSSRDRQILDWHFANLEFANATPLSTLSLKHWDQDDDFEFTGSHLTVR
NGYSCVPVALAEGLDIKLNTAVRQVRYTASGCEVIAVNTRSTSQTFIYKCDAVLCTLPLGVLKQQPPAVQFVPPLPEWKT
SAVQRMGFGNLNKVVLCFDRVFWDPSVNLFGHVGSTTASRGELFLFWNLYKAPILLALVAGEAAGIMENISDDVIVGRCL
AILKGIFGSSAVPQPKETVVSRWRADPWARGSYSYVAAGSSGNDYDLMAQPITPGPSIPGAPQPIPRLFFAGEHTIRNYP
ATVHGALLSGLREAGRIADQFLGAM
;
_entity_poly.pdbx_strand_id   A
#
# COMPACT_ATOMS: atom_id res chain seq x y z
N SER A 3 19.76 7.15 27.29
CA SER A 3 18.28 7.22 27.39
C SER A 3 17.64 6.98 26.03
N SER A 4 16.76 5.98 25.96
CA SER A 4 15.86 5.80 24.82
C SER A 4 14.57 6.61 25.02
N GLY A 5 14.60 7.47 26.05
CA GLY A 5 13.69 8.60 26.14
C GLY A 5 13.94 9.56 24.99
N VAL A 6 15.17 10.09 24.91
CA VAL A 6 15.54 11.09 23.91
C VAL A 6 15.78 10.41 22.56
N GLU A 7 16.24 9.16 22.61
CA GLU A 7 16.50 8.32 21.44
C GLU A 7 15.16 7.95 20.79
N GLY A 8 14.14 7.71 21.63
CA GLY A 8 12.79 7.41 21.18
C GLY A 8 12.16 8.59 20.46
N ALA A 9 12.47 9.80 20.93
CA ALA A 9 11.90 11.02 20.38
C ALA A 9 12.36 11.23 18.94
N ALA A 10 13.66 10.98 18.69
CA ALA A 10 14.21 11.07 17.35
C ALA A 10 13.56 10.04 16.43
N PHE A 11 13.54 8.78 16.87
CA PHE A 11 12.90 7.72 16.11
C PHE A 11 11.45 8.11 15.80
N GLN A 12 10.73 8.62 16.81
CA GLN A 12 9.33 8.98 16.66
C GLN A 12 9.16 10.11 15.65
N SER A 13 10.25 10.84 15.38
CA SER A 13 10.23 11.96 14.45
C SER A 13 10.87 11.58 13.11
N ARG A 14 11.14 10.28 12.91
CA ARG A 14 11.71 9.78 11.66
C ARG A 14 13.13 10.31 11.45
N LEU A 15 13.88 10.49 12.54
CA LEU A 15 15.26 10.96 12.47
C LEU A 15 16.20 9.94 13.15
N PRO A 16 17.47 9.82 12.68
CA PRO A 16 18.49 9.07 13.41
C PRO A 16 18.88 9.83 14.67
N HIS A 17 18.94 9.10 15.79
CA HIS A 17 19.19 9.72 17.08
C HIS A 17 20.65 10.20 17.20
N ASP A 18 21.55 9.67 16.35
CA ASP A 18 22.97 9.80 16.65
C ASP A 18 23.73 10.49 15.50
N ARG A 19 23.02 10.95 14.47
CA ARG A 19 23.70 11.72 13.46
C ARG A 19 22.76 12.79 12.89
N MET A 20 23.39 13.79 12.27
CA MET A 20 22.67 14.92 11.67
C MET A 20 22.25 14.52 10.27
N THR A 21 21.06 14.97 9.87
CA THR A 21 20.53 14.73 8.54
C THR A 21 21.13 15.75 7.58
N SER A 22 20.99 15.48 6.28
CA SER A 22 21.54 16.38 5.29
C SER A 22 20.81 17.72 5.34
N GLN A 23 19.53 17.67 5.75
CA GLN A 23 18.75 18.89 5.88
C GLN A 23 19.28 19.73 7.05
N GLU A 24 19.62 19.07 8.17
CA GLU A 24 20.22 19.74 9.31
C GLU A 24 21.59 20.33 8.91
N ALA A 25 22.37 19.57 8.14
CA ALA A 25 23.71 19.96 7.70
C ALA A 25 23.65 21.29 6.95
N ALA A 26 22.60 21.47 6.15
CA ALA A 26 22.42 22.65 5.31
C ALA A 26 22.03 23.87 6.15
N CYS A 27 21.20 23.65 7.18
CA CYS A 27 20.73 24.76 8.01
C CYS A 27 21.74 25.10 9.10
N PHE A 28 22.56 24.11 9.49
CA PHE A 28 23.60 24.32 10.50
C PHE A 28 24.99 23.99 9.94
N PRO A 29 25.51 24.73 8.93
CA PRO A 29 26.78 24.38 8.29
C PRO A 29 27.94 24.44 9.27
N ASP A 30 27.86 25.39 10.21
CA ASP A 30 28.87 25.65 11.22
C ASP A 30 28.96 24.50 12.22
N ILE A 31 27.87 23.76 12.37
CA ILE A 31 27.85 22.66 13.34
C ILE A 31 28.53 21.44 12.72
N ILE A 32 28.16 21.11 11.47
CA ILE A 32 28.61 19.88 10.84
C ILE A 32 30.08 20.02 10.42
N SER A 33 30.60 21.25 10.43
CA SER A 33 31.97 21.48 9.99
C SER A 33 32.86 21.84 11.17
N GLY A 34 32.30 21.74 12.38
CA GLY A 34 32.99 22.19 13.58
C GLY A 34 33.38 21.03 14.51
N PRO A 35 33.86 21.33 15.74
CA PRO A 35 34.25 20.29 16.69
C PRO A 35 33.10 19.31 16.93
N GLN A 36 33.38 18.02 16.68
CA GLN A 36 32.36 16.99 16.71
C GLN A 36 31.73 16.89 18.10
N GLN A 37 32.40 17.48 19.09
CA GLN A 37 31.87 17.56 20.44
C GLN A 37 30.54 18.32 20.44
N THR A 38 30.48 19.43 19.69
CA THR A 38 29.30 20.27 19.69
C THR A 38 28.23 19.70 18.75
N GLN A 39 28.60 18.69 17.95
CA GLN A 39 27.63 17.96 17.15
C GLN A 39 26.74 17.11 18.06
N LYS A 40 27.34 16.48 19.07
CA LYS A 40 26.63 15.67 20.04
C LYS A 40 25.71 16.57 20.88
N VAL A 41 26.18 17.79 21.16
CA VAL A 41 25.41 18.75 21.95
C VAL A 41 24.15 19.13 21.17
N PHE A 42 24.31 19.43 19.87
CA PHE A 42 23.22 19.73 18.97
C PHE A 42 22.22 18.58 18.96
N LEU A 43 22.73 17.35 18.81
CA LEU A 43 21.86 16.18 18.69
C LEU A 43 21.06 15.98 19.98
N PHE A 44 21.69 16.23 21.12
CA PHE A 44 20.99 16.09 22.39
C PHE A 44 19.85 17.12 22.48
N ILE A 45 20.14 18.37 22.10
CA ILE A 45 19.15 19.44 22.23
C ILE A 45 17.97 19.15 21.31
N ARG A 46 18.29 18.76 20.07
CA ARG A 46 17.30 18.36 19.09
C ARG A 46 16.43 17.22 19.63
N ASN A 47 17.06 16.15 20.12
CA ASN A 47 16.34 14.97 20.60
C ASN A 47 15.49 15.30 21.81
N ARG A 48 16.02 16.15 22.70
CA ARG A 48 15.34 16.48 23.94
C ARG A 48 14.15 17.42 23.67
N THR A 49 14.30 18.37 22.75
CA THR A 49 13.22 19.28 22.38
C THR A 49 12.07 18.50 21.76
N LEU A 50 12.41 17.50 20.95
CA LEU A 50 11.43 16.63 20.33
C LEU A 50 10.67 15.87 21.42
N GLN A 51 11.41 15.39 22.43
CA GLN A 51 10.83 14.65 23.54
C GLN A 51 9.84 15.55 24.29
N LEU A 52 10.22 16.80 24.51
CA LEU A 52 9.38 17.70 25.29
C LEU A 52 8.06 17.92 24.55
N TRP A 53 8.15 18.03 23.22
CA TRP A 53 6.98 18.20 22.39
C TRP A 53 6.13 16.93 22.39
N LEU A 54 6.78 15.78 22.18
CA LEU A 54 6.06 14.53 21.99
C LEU A 54 5.43 14.04 23.29
N ASP A 55 5.97 14.49 24.43
CA ASP A 55 5.43 14.10 25.73
C ASP A 55 4.15 14.88 26.03
N ASN A 56 3.98 16.04 25.40
CA ASN A 56 2.79 16.84 25.65
C ASN A 56 2.38 17.63 24.40
N PRO A 57 1.84 16.99 23.34
CA PRO A 57 1.59 17.69 22.08
C PRO A 57 0.29 18.50 22.03
N LYS A 58 -0.40 18.65 23.17
CA LYS A 58 -1.63 19.44 23.21
C LYS A 58 -1.35 20.90 23.51
N ILE A 59 -0.10 21.21 23.91
CA ILE A 59 0.31 22.57 24.25
C ILE A 59 1.46 22.99 23.34
N GLN A 60 1.50 24.28 22.98
CA GLN A 60 2.62 24.83 22.23
C GLN A 60 3.89 24.72 23.07
N LEU A 61 4.98 24.25 22.44
CA LEU A 61 6.28 24.23 23.10
C LEU A 61 7.07 25.46 22.66
N THR A 62 7.23 26.41 23.58
CA THR A 62 7.94 27.65 23.29
C THR A 62 9.44 27.48 23.51
N PHE A 63 10.21 28.42 22.97
CA PHE A 63 11.65 28.44 23.18
C PHE A 63 11.96 28.58 24.67
N GLU A 64 11.30 29.53 25.34
CA GLU A 64 11.41 29.77 26.76
C GLU A 64 11.26 28.47 27.54
N ALA A 65 10.13 27.76 27.32
CA ALA A 65 9.80 26.56 28.07
C ALA A 65 10.78 25.42 27.80
N THR A 66 11.34 25.37 26.58
CA THR A 66 12.37 24.41 26.23
C THR A 66 13.61 24.62 27.11
N LEU A 67 13.99 25.89 27.25
CA LEU A 67 15.22 26.30 27.91
C LEU A 67 15.11 26.05 29.42
N GLN A 68 13.90 26.22 29.97
CA GLN A 68 13.65 26.04 31.39
C GLN A 68 13.56 24.56 31.76
N GLN A 69 13.44 23.68 30.76
CA GLN A 69 13.26 22.26 31.01
C GLN A 69 14.52 21.48 30.68
N LEU A 70 15.47 22.15 30.01
CA LEU A 70 16.77 21.55 29.78
C LEU A 70 17.57 21.59 31.07
N GLU A 71 18.42 20.59 31.26
CA GLU A 71 19.30 20.46 32.42
C GLU A 71 20.66 21.06 32.09
N ALA A 72 21.39 21.49 33.13
CA ALA A 72 22.75 21.99 32.98
C ALA A 72 23.64 20.91 32.36
N PRO A 73 24.60 21.24 31.47
CA PRO A 73 24.87 22.62 31.04
C PRO A 73 24.10 23.11 29.82
N TYR A 74 23.12 22.33 29.35
CA TYR A 74 22.45 22.60 28.08
C TYR A 74 21.57 23.85 28.18
N ASN A 75 21.04 24.12 29.37
CA ASN A 75 20.21 25.31 29.59
C ASN A 75 21.07 26.59 29.57
N SER A 76 22.39 26.43 29.37
CA SER A 76 23.27 27.58 29.20
C SER A 76 23.59 27.84 27.72
N ASP A 77 23.22 26.89 26.83
CA ASP A 77 23.46 27.03 25.40
C ASP A 77 22.29 27.78 24.75
N THR A 78 22.07 29.01 25.22
CA THR A 78 20.89 29.80 24.93
C THR A 78 20.68 29.92 23.42
N VAL A 79 21.75 30.29 22.72
CA VAL A 79 21.67 30.60 21.29
C VAL A 79 21.43 29.31 20.50
N LEU A 80 22.13 28.23 20.87
CA LEU A 80 22.04 27.01 20.10
C LEU A 80 20.64 26.42 20.25
N VAL A 81 20.10 26.52 21.47
CA VAL A 81 18.76 26.06 21.79
C VAL A 81 17.72 26.80 20.95
N HIS A 82 17.88 28.13 20.86
CA HIS A 82 16.97 28.94 20.05
C HIS A 82 17.00 28.48 18.59
N ARG A 83 18.22 28.28 18.08
CA ARG A 83 18.44 27.90 16.69
C ARG A 83 17.78 26.55 16.41
N VAL A 84 17.93 25.61 17.35
CA VAL A 84 17.38 24.27 17.18
C VAL A 84 15.86 24.36 17.26
N HIS A 85 15.36 25.13 18.22
CA HIS A 85 13.93 25.28 18.42
C HIS A 85 13.28 25.88 17.17
N SER A 86 13.88 26.96 16.63
CA SER A 86 13.36 27.66 15.46
C SER A 86 13.33 26.71 14.27
N TYR A 87 14.37 25.88 14.16
CA TYR A 87 14.48 24.91 13.09
C TYR A 87 13.34 23.88 13.19
N LEU A 88 13.16 23.29 14.38
CA LEU A 88 12.20 22.20 14.53
C LEU A 88 10.78 22.69 14.27
N GLU A 89 10.51 23.94 14.67
CA GLU A 89 9.20 24.55 14.58
C GLU A 89 8.87 24.86 13.11
N ARG A 90 9.83 25.47 12.41
CA ARG A 90 9.66 25.88 11.02
C ARG A 90 9.36 24.67 10.13
N HIS A 91 10.06 23.55 10.40
CA HIS A 91 9.97 22.35 9.59
C HIS A 91 8.84 21.44 10.11
N GLY A 92 8.09 21.92 11.10
CA GLY A 92 6.88 21.26 11.57
C GLY A 92 7.17 19.95 12.31
N LEU A 93 8.31 19.88 13.02
CA LEU A 93 8.61 18.70 13.82
C LEU A 93 8.14 18.88 15.25
N ILE A 94 7.97 20.15 15.68
CA ILE A 94 7.24 20.47 16.89
C ILE A 94 6.16 21.49 16.53
N ASN A 95 5.21 21.73 17.44
CA ASN A 95 4.16 22.72 17.25
C ASN A 95 3.50 22.53 15.89
N PHE A 96 3.00 21.32 15.65
CA PHE A 96 2.21 21.04 14.45
C PHE A 96 0.89 20.40 14.88
N GLY A 97 -0.04 20.27 13.92
CA GLY A 97 -1.36 19.74 14.22
C GLY A 97 -2.19 20.78 14.95
N ILE A 98 -2.93 20.35 15.98
CA ILE A 98 -3.76 21.27 16.74
C ILE A 98 -3.42 21.18 18.23
N TYR A 99 -3.11 22.35 18.80
CA TYR A 99 -2.60 22.48 20.17
C TYR A 99 -2.96 23.87 20.70
N LYS A 100 -2.94 24.02 22.03
CA LYS A 100 -3.23 25.30 22.67
C LYS A 100 -2.02 26.23 22.58
N ARG A 101 -2.25 27.44 22.05
CA ARG A 101 -1.21 28.45 21.92
C ARG A 101 -0.93 29.06 23.29
N ILE A 102 0.35 29.35 23.55
CA ILE A 102 0.74 30.00 24.79
C ILE A 102 0.89 31.50 24.53
N LYS A 103 1.60 31.86 23.45
CA LYS A 103 1.71 33.25 23.01
C LYS A 103 0.82 33.45 21.77
N PRO A 104 -0.29 34.21 21.89
CA PRO A 104 -1.26 34.38 20.79
C PRO A 104 -0.71 34.91 19.47
N LEU A 105 -1.53 34.78 18.42
CA LEU A 105 -1.13 35.02 17.04
C LEU A 105 -0.86 36.51 16.84
N PRO A 106 0.20 36.88 16.09
CA PRO A 106 0.45 38.28 15.72
C PRO A 106 -0.79 38.92 15.08
N THR A 107 -1.12 40.13 15.57
CA THR A 107 -2.35 40.84 15.24
C THR A 107 -2.38 41.18 13.75
N LYS A 108 -1.24 41.67 13.23
CA LYS A 108 -1.10 41.99 11.83
C LYS A 108 -0.43 40.82 11.12
N LYS A 109 -0.85 40.56 9.88
CA LYS A 109 -0.40 39.41 9.10
C LYS A 109 0.61 39.86 8.05
N THR A 110 1.48 38.93 7.65
CA THR A 110 2.54 39.19 6.68
C THR A 110 2.47 38.18 5.54
N GLY A 111 2.19 38.67 4.33
CA GLY A 111 2.13 37.83 3.14
C GLY A 111 0.81 37.07 3.06
N LYS A 112 0.33 36.89 1.83
CA LYS A 112 -0.97 36.28 1.56
C LYS A 112 -0.76 34.99 0.76
N VAL A 113 -1.33 33.89 1.25
CA VAL A 113 -1.20 32.60 0.59
C VAL A 113 -2.59 32.03 0.34
N ILE A 114 -2.83 31.62 -0.91
CA ILE A 114 -4.03 30.86 -1.26
C ILE A 114 -3.66 29.37 -1.30
N ILE A 115 -4.48 28.55 -0.64
CA ILE A 115 -4.29 27.10 -0.65
C ILE A 115 -5.46 26.48 -1.42
N ILE A 116 -5.14 25.75 -2.48
CA ILE A 116 -6.17 25.05 -3.24
C ILE A 116 -6.37 23.66 -2.65
N GLY A 117 -7.58 23.41 -2.17
CA GLY A 117 -8.00 22.14 -1.62
C GLY A 117 -7.85 22.12 -0.10
N SER A 118 -8.84 21.52 0.57
CA SER A 118 -8.91 21.47 2.01
C SER A 118 -8.88 20.03 2.53
N GLY A 119 -8.04 19.19 1.91
CA GLY A 119 -7.71 17.87 2.47
C GLY A 119 -6.65 18.00 3.56
N VAL A 120 -6.13 16.86 4.03
CA VAL A 120 -5.19 16.86 5.14
C VAL A 120 -3.93 17.66 4.79
N SER A 121 -3.45 17.56 3.54
CA SER A 121 -2.25 18.31 3.16
C SER A 121 -2.51 19.81 3.23
N GLY A 122 -3.65 20.27 2.67
CA GLY A 122 -4.02 21.67 2.68
C GLY A 122 -4.22 22.20 4.10
N LEU A 123 -4.97 21.44 4.91
CA LEU A 123 -5.26 21.85 6.27
C LEU A 123 -3.96 21.93 7.09
N ALA A 124 -3.07 20.95 6.91
CA ALA A 124 -1.83 20.91 7.69
C ALA A 124 -0.96 22.12 7.36
N ALA A 125 -0.84 22.44 6.06
CA ALA A 125 -0.05 23.57 5.61
C ALA A 125 -0.66 24.88 6.10
N ALA A 126 -1.99 24.97 6.08
CA ALA A 126 -2.70 26.17 6.49
C ALA A 126 -2.40 26.49 7.95
N ARG A 127 -2.54 25.48 8.83
CA ARG A 127 -2.27 25.65 10.24
C ARG A 127 -0.86 26.16 10.48
N GLN A 128 0.11 25.61 9.74
CA GLN A 128 1.50 26.02 9.89
C GLN A 128 1.66 27.48 9.49
N LEU A 129 1.19 27.82 8.27
CA LEU A 129 1.39 29.16 7.74
C LEU A 129 0.69 30.20 8.63
N GLN A 130 -0.49 29.87 9.15
CA GLN A 130 -1.23 30.73 10.03
C GLN A 130 -0.43 30.99 11.31
N SER A 131 0.12 29.91 11.89
CA SER A 131 0.85 30.02 13.15
C SER A 131 2.16 30.75 12.96
N PHE A 132 2.60 30.89 11.70
CA PHE A 132 3.81 31.62 11.35
C PHE A 132 3.49 33.10 11.11
N GLY A 133 2.20 33.45 11.10
CA GLY A 133 1.78 34.85 11.00
C GLY A 133 1.49 35.28 9.55
N MET A 134 1.15 34.33 8.68
CA MET A 134 0.76 34.66 7.32
C MET A 134 -0.76 34.67 7.19
N ASP A 135 -1.24 35.38 6.15
CA ASP A 135 -2.66 35.44 5.82
C ASP A 135 -2.97 34.30 4.86
N VAL A 136 -3.86 33.39 5.29
CA VAL A 136 -4.09 32.16 4.56
C VAL A 136 -5.59 31.98 4.30
N THR A 137 -5.94 31.70 3.03
CA THR A 137 -7.29 31.28 2.68
C THR A 137 -7.23 29.96 1.91
N LEU A 138 -8.08 29.00 2.31
CA LEU A 138 -8.22 27.73 1.62
C LEU A 138 -9.46 27.79 0.73
N LEU A 139 -9.31 27.38 -0.53
CA LEU A 139 -10.43 27.25 -1.45
C LEU A 139 -10.74 25.78 -1.68
N GLU A 140 -11.95 25.35 -1.33
CA GLU A 140 -12.35 23.96 -1.38
C GLU A 140 -13.62 23.80 -2.22
N ALA A 141 -13.58 22.83 -3.15
CA ALA A 141 -14.65 22.62 -4.11
C ALA A 141 -15.83 21.89 -3.49
N ARG A 142 -15.57 20.99 -2.53
CA ARG A 142 -16.65 20.22 -1.92
C ARG A 142 -17.40 21.09 -0.91
N ASP A 143 -18.50 20.56 -0.37
CA ASP A 143 -19.26 21.17 0.70
C ASP A 143 -18.77 20.66 2.06
N ARG A 144 -17.51 20.23 2.12
CA ARG A 144 -16.90 19.70 3.33
C ARG A 144 -15.38 19.71 3.18
N VAL A 145 -14.67 19.69 4.31
CA VAL A 145 -13.23 19.56 4.36
C VAL A 145 -12.90 18.07 4.37
N GLY A 146 -11.62 17.73 4.17
CA GLY A 146 -11.17 16.37 4.41
C GLY A 146 -10.71 15.65 3.14
N GLY A 147 -11.32 15.98 1.99
CA GLY A 147 -11.00 15.39 0.70
C GLY A 147 -11.17 13.87 0.71
N ARG A 148 -10.04 13.16 0.63
CA ARG A 148 -10.08 11.71 0.56
C ARG A 148 -10.16 11.07 1.94
N VAL A 149 -10.22 11.91 2.99
CA VAL A 149 -10.76 11.46 4.26
C VAL A 149 -12.24 11.84 4.27
N ALA A 150 -13.10 10.82 4.21
CA ALA A 150 -14.52 10.99 3.96
C ALA A 150 -15.29 9.95 4.76
N THR A 151 -15.91 10.41 5.85
CA THR A 151 -16.64 9.57 6.79
C THR A 151 -18.14 9.70 6.51
N PHE A 152 -18.82 8.56 6.36
CA PHE A 152 -20.27 8.53 6.37
C PHE A 152 -20.75 8.44 7.82
N ARG A 153 -21.65 9.36 8.19
CA ARG A 153 -22.29 9.37 9.51
C ARG A 153 -23.81 9.51 9.34
N LYS A 154 -24.56 8.56 9.92
CA LYS A 154 -26.01 8.61 9.92
C LYS A 154 -26.54 7.73 11.06
N GLY A 155 -27.35 8.32 11.95
CA GLY A 155 -27.75 7.63 13.18
C GLY A 155 -26.55 7.38 14.08
N ASN A 156 -26.29 6.11 14.43
CA ASN A 156 -25.01 5.80 15.06
C ASN A 156 -24.18 4.89 14.15
N TYR A 157 -24.48 4.93 12.84
CA TYR A 157 -23.61 4.35 11.84
C TYR A 157 -22.49 5.34 11.51
N VAL A 158 -21.25 4.85 11.64
CA VAL A 158 -20.05 5.54 11.19
C VAL A 158 -19.27 4.56 10.31
N ALA A 159 -18.86 5.01 9.11
CA ALA A 159 -18.01 4.23 8.23
C ALA A 159 -17.17 5.16 7.35
N ASP A 160 -15.92 4.76 7.10
CA ASP A 160 -14.98 5.53 6.31
C ASP A 160 -14.98 5.05 4.86
N LEU A 161 -15.29 5.97 3.92
CA LEU A 161 -15.34 5.68 2.49
C LEU A 161 -13.98 5.93 1.84
N GLY A 162 -13.16 6.77 2.51
CA GLY A 162 -11.78 6.97 2.09
C GLY A 162 -10.82 6.26 3.05
N ALA A 163 -9.78 6.97 3.47
CA ALA A 163 -8.75 6.46 4.36
C ALA A 163 -9.39 5.96 5.64
N MET A 164 -8.88 4.84 6.16
CA MET A 164 -9.51 4.14 7.26
C MET A 164 -8.46 3.64 8.27
N VAL A 165 -7.22 3.41 7.80
CA VAL A 165 -6.23 2.71 8.59
C VAL A 165 -5.05 3.63 8.89
N VAL A 166 -4.63 3.63 10.16
CA VAL A 166 -3.38 4.20 10.62
C VAL A 166 -2.36 3.07 10.65
N THR A 167 -1.36 3.16 9.77
CA THR A 167 -0.51 2.03 9.43
C THR A 167 0.67 1.93 10.40
N GLY A 168 0.36 1.78 11.69
CA GLY A 168 1.39 1.68 12.72
C GLY A 168 1.77 3.06 13.26
N LEU A 169 2.06 3.12 14.58
CA LEU A 169 2.24 4.36 15.30
C LEU A 169 3.72 4.76 15.38
N GLY A 170 4.63 3.79 15.25
CA GLY A 170 6.05 4.01 15.49
C GLY A 170 6.69 4.83 14.37
N GLY A 171 6.86 6.13 14.62
CA GLY A 171 7.42 7.07 13.65
C GLY A 171 6.34 7.89 12.95
N ASN A 172 5.07 7.63 13.29
CA ASN A 172 3.96 8.16 12.52
C ASN A 172 3.51 9.48 13.14
N PRO A 173 3.53 10.60 12.38
CA PRO A 173 3.05 11.89 12.91
C PRO A 173 1.57 11.84 13.28
N MET A 174 0.83 10.86 12.74
CA MET A 174 -0.57 10.71 13.07
C MET A 174 -0.74 10.29 14.53
N ALA A 175 0.32 9.73 15.13
CA ALA A 175 0.32 9.41 16.54
C ALA A 175 0.11 10.69 17.35
N VAL A 176 0.78 11.77 16.95
CA VAL A 176 0.65 13.05 17.62
C VAL A 176 -0.76 13.60 17.41
N VAL A 177 -1.23 13.58 16.15
CA VAL A 177 -2.50 14.17 15.81
C VAL A 177 -3.61 13.41 16.55
N SER A 178 -3.49 12.08 16.60
CA SER A 178 -4.41 11.20 17.29
C SER A 178 -4.59 11.64 18.75
N LYS A 179 -3.48 11.88 19.45
CA LYS A 179 -3.50 12.34 20.82
C LYS A 179 -4.19 13.71 20.91
N GLN A 180 -3.94 14.57 19.92
CA GLN A 180 -4.43 15.93 19.92
C GLN A 180 -5.95 15.98 19.76
N VAL A 181 -6.52 15.10 18.93
CA VAL A 181 -7.92 15.22 18.59
C VAL A 181 -8.78 14.20 19.35
N ASN A 182 -8.14 13.40 20.22
CA ASN A 182 -8.80 12.36 20.99
C ASN A 182 -9.41 11.31 20.07
N MET A 183 -8.66 10.95 19.02
CA MET A 183 -9.06 9.92 18.09
C MET A 183 -8.85 8.55 18.74
N GLU A 184 -9.94 7.80 18.92
CA GLU A 184 -9.91 6.46 19.47
C GLU A 184 -9.48 5.49 18.37
N LEU A 185 -8.40 4.74 18.64
CA LEU A 185 -7.80 3.80 17.69
C LEU A 185 -7.90 2.36 18.22
N ALA A 186 -8.12 1.40 17.30
CA ALA A 186 -8.26 0.00 17.67
C ALA A 186 -7.43 -0.89 16.73
N LYS A 187 -6.84 -1.93 17.32
CA LYS A 187 -6.05 -2.91 16.60
C LYS A 187 -6.95 -3.70 15.65
N ILE A 188 -6.36 -4.10 14.52
CA ILE A 188 -7.04 -4.98 13.58
C ILE A 188 -6.50 -6.38 13.83
N LYS A 189 -7.41 -7.31 14.14
CA LYS A 189 -7.05 -8.72 14.26
C LYS A 189 -6.66 -9.22 12.86
N GLN A 190 -5.65 -10.09 12.82
CA GLN A 190 -4.98 -10.41 11.58
C GLN A 190 -5.71 -11.53 10.84
N LYS A 191 -6.40 -12.39 11.59
CA LYS A 191 -7.04 -13.57 11.05
C LYS A 191 -8.06 -13.18 9.99
N CYS A 192 -7.90 -13.77 8.80
CA CYS A 192 -8.75 -13.48 7.65
C CYS A 192 -9.07 -14.78 6.94
N PRO A 193 -10.15 -15.50 7.33
CA PRO A 193 -10.56 -16.71 6.61
C PRO A 193 -11.12 -16.40 5.23
N LEU A 194 -10.87 -17.31 4.28
CA LEU A 194 -11.31 -17.13 2.91
C LEU A 194 -12.45 -18.10 2.62
N TYR A 195 -13.41 -17.61 1.84
CA TYR A 195 -14.53 -18.44 1.39
C TYR A 195 -14.50 -18.47 -0.13
N GLU A 196 -14.73 -19.68 -0.69
CA GLU A 196 -14.80 -19.85 -2.13
C GLU A 196 -16.12 -19.29 -2.65
N ALA A 197 -16.23 -19.20 -3.98
CA ALA A 197 -17.39 -18.61 -4.64
C ALA A 197 -18.68 -19.27 -4.19
N ASN A 198 -18.61 -20.54 -3.76
CA ASN A 198 -19.78 -21.31 -3.36
C ASN A 198 -20.04 -21.14 -1.86
N GLY A 199 -19.13 -20.47 -1.16
CA GLY A 199 -19.33 -20.09 0.24
C GLY A 199 -18.63 -21.02 1.23
N GLN A 200 -17.93 -22.05 0.74
CA GLN A 200 -17.25 -22.99 1.62
C GLN A 200 -15.91 -22.41 2.07
N ALA A 201 -15.62 -22.55 3.37
CA ALA A 201 -14.37 -22.13 3.96
C ALA A 201 -13.20 -22.82 3.25
N VAL A 202 -12.12 -22.06 3.04
CA VAL A 202 -10.86 -22.63 2.58
C VAL A 202 -10.15 -23.20 3.80
N PRO A 203 -9.83 -24.51 3.82
CA PRO A 203 -9.20 -25.14 4.99
C PRO A 203 -7.83 -24.53 5.26
N LYS A 204 -7.42 -24.58 6.54
CA LYS A 204 -6.17 -24.00 7.02
C LYS A 204 -5.02 -24.45 6.12
N GLU A 205 -4.94 -25.75 5.84
CA GLU A 205 -3.85 -26.35 5.09
C GLU A 205 -3.71 -25.66 3.73
N LYS A 206 -4.80 -25.62 2.95
CA LYS A 206 -4.79 -25.08 1.61
C LYS A 206 -4.48 -23.59 1.63
N ASP A 207 -5.05 -22.85 2.60
CA ASP A 207 -4.87 -21.42 2.72
C ASP A 207 -3.39 -21.07 2.89
N GLU A 208 -2.71 -21.80 3.78
CA GLU A 208 -1.32 -21.55 4.09
C GLU A 208 -0.42 -21.93 2.91
N MET A 209 -0.75 -23.01 2.20
CA MET A 209 0.03 -23.44 1.06
C MET A 209 0.01 -22.33 -0.01
N VAL A 210 -1.19 -21.88 -0.37
CA VAL A 210 -1.34 -20.88 -1.42
C VAL A 210 -0.65 -19.59 -1.02
N GLU A 211 -0.85 -19.15 0.24
CA GLU A 211 -0.25 -17.91 0.70
C GLU A 211 1.27 -17.98 0.55
N GLN A 212 1.84 -19.15 0.85
CA GLN A 212 3.27 -19.38 0.77
C GLN A 212 3.74 -19.25 -0.68
N GLU A 213 2.98 -19.82 -1.62
CA GLU A 213 3.31 -19.72 -3.03
C GLU A 213 3.25 -18.26 -3.49
N PHE A 214 2.26 -17.51 -3.01
CA PHE A 214 2.16 -16.09 -3.34
C PHE A 214 3.44 -15.37 -2.91
N ASN A 215 3.90 -15.66 -1.69
CA ASN A 215 5.09 -15.01 -1.15
C ASN A 215 6.32 -15.39 -1.98
N ARG A 216 6.37 -16.65 -2.42
CA ARG A 216 7.51 -17.11 -3.21
C ARG A 216 7.51 -16.43 -4.59
N LEU A 217 6.31 -16.23 -5.15
CA LEU A 217 6.19 -15.63 -6.47
C LEU A 217 6.63 -14.18 -6.42
N LEU A 218 6.17 -13.44 -5.41
CA LEU A 218 6.55 -12.04 -5.22
C LEU A 218 8.07 -11.93 -5.04
N GLU A 219 8.61 -12.78 -4.16
CA GLU A 219 10.04 -12.79 -3.85
C GLU A 219 10.82 -13.03 -5.13
N ALA A 220 10.33 -13.96 -5.97
CA ALA A 220 10.98 -14.27 -7.22
C ALA A 220 11.04 -13.04 -8.14
N THR A 221 9.96 -12.27 -8.22
CA THR A 221 9.96 -11.07 -9.06
C THR A 221 10.96 -10.05 -8.53
N SER A 222 11.09 -9.99 -7.20
CA SER A 222 12.03 -9.08 -6.55
C SER A 222 13.46 -9.47 -6.91
N TYR A 223 13.72 -10.78 -6.94
CA TYR A 223 15.02 -11.30 -7.33
C TYR A 223 15.32 -10.92 -8.78
N LEU A 224 14.37 -11.20 -9.68
CA LEU A 224 14.48 -10.91 -11.10
C LEU A 224 14.79 -9.44 -11.33
N SER A 225 14.11 -8.55 -10.60
CA SER A 225 14.24 -7.12 -10.77
C SER A 225 15.57 -6.58 -10.21
N HIS A 226 15.91 -6.95 -8.96
CA HIS A 226 16.93 -6.21 -8.22
C HIS A 226 18.27 -6.96 -8.17
N GLN A 227 18.28 -8.19 -8.69
CA GLN A 227 19.51 -8.98 -8.68
C GLN A 227 19.95 -9.20 -10.13
N LEU A 228 18.99 -9.58 -10.98
CA LEU A 228 19.24 -9.94 -12.38
C LEU A 228 18.91 -8.79 -13.32
N ASP A 229 18.38 -7.69 -12.77
CA ASP A 229 18.13 -6.44 -13.49
C ASP A 229 17.28 -6.67 -14.75
N PHE A 230 16.18 -7.42 -14.63
CA PHE A 230 15.23 -7.61 -15.72
C PHE A 230 14.10 -6.58 -15.59
N ASN A 231 14.34 -5.36 -16.09
CA ASN A 231 13.42 -4.27 -15.82
C ASN A 231 12.88 -3.65 -17.11
N VAL A 232 13.52 -3.99 -18.23
CA VAL A 232 13.17 -3.46 -19.54
C VAL A 232 13.04 -4.63 -20.51
N LEU A 233 11.95 -4.66 -21.27
CA LEU A 233 11.71 -5.65 -22.29
C LEU A 233 11.06 -4.99 -23.49
N ASN A 234 11.66 -5.19 -24.68
CA ASN A 234 11.15 -4.69 -25.95
C ASN A 234 10.93 -3.18 -25.85
N ASN A 235 11.87 -2.51 -25.16
CA ASN A 235 11.89 -1.06 -24.98
C ASN A 235 10.66 -0.59 -24.21
N LYS A 236 10.10 -1.47 -23.38
CA LYS A 236 9.01 -1.12 -22.46
C LYS A 236 9.44 -1.49 -21.05
N PRO A 237 9.18 -0.64 -20.03
CA PRO A 237 9.46 -1.01 -18.64
C PRO A 237 8.51 -2.15 -18.27
N VAL A 238 9.02 -3.10 -17.48
CA VAL A 238 8.30 -4.31 -17.10
C VAL A 238 7.35 -3.99 -15.94
N SER A 239 6.09 -4.46 -16.06
CA SER A 239 5.15 -4.40 -14.97
C SER A 239 5.36 -5.55 -13.98
N LEU A 240 4.86 -5.36 -12.75
CA LEU A 240 4.89 -6.42 -11.75
C LEU A 240 3.99 -7.56 -12.24
N GLY A 241 2.84 -7.20 -12.80
CA GLY A 241 1.91 -8.19 -13.35
C GLY A 241 2.59 -9.08 -14.39
N GLN A 242 3.36 -8.45 -15.27
CA GLN A 242 4.06 -9.11 -16.36
C GLN A 242 5.08 -10.09 -15.78
N ALA A 243 5.83 -9.63 -14.79
CA ALA A 243 6.88 -10.43 -14.19
C ALA A 243 6.28 -11.62 -13.44
N LEU A 244 5.10 -11.43 -12.83
CA LEU A 244 4.45 -12.52 -12.11
C LEU A 244 4.02 -13.60 -13.11
N GLU A 245 3.57 -13.18 -14.29
CA GLU A 245 3.14 -14.11 -15.33
C GLU A 245 4.31 -14.95 -15.79
N VAL A 246 5.49 -14.32 -15.92
CA VAL A 246 6.70 -15.01 -16.34
C VAL A 246 7.08 -16.04 -15.29
N VAL A 247 7.10 -15.65 -14.01
CA VAL A 247 7.48 -16.57 -12.95
C VAL A 247 6.51 -17.75 -12.89
N ILE A 248 5.21 -17.48 -13.08
CA ILE A 248 4.23 -18.56 -13.03
C ILE A 248 4.49 -19.54 -14.16
N GLN A 249 4.79 -19.02 -15.36
CA GLN A 249 5.00 -19.85 -16.54
C GLN A 249 6.18 -20.79 -16.34
N LEU A 250 7.23 -20.29 -15.69
CA LEU A 250 8.40 -21.09 -15.39
C LEU A 250 8.04 -22.20 -14.40
N GLN A 251 7.20 -21.89 -13.41
CA GLN A 251 6.75 -22.90 -12.47
C GLN A 251 5.98 -24.00 -13.20
N GLU A 252 5.16 -23.63 -14.19
CA GLU A 252 4.37 -24.60 -14.93
C GLU A 252 5.27 -25.48 -15.81
N LYS A 253 6.30 -24.87 -16.41
CA LYS A 253 7.26 -25.61 -17.23
C LYS A 253 7.98 -26.65 -16.37
N HIS A 254 8.38 -26.26 -15.16
CA HIS A 254 9.04 -27.17 -14.24
C HIS A 254 8.15 -28.35 -13.86
N VAL A 255 6.85 -28.11 -13.67
CA VAL A 255 5.91 -29.18 -13.36
C VAL A 255 5.82 -30.15 -14.53
N LYS A 256 5.76 -29.60 -15.75
CA LYS A 256 5.63 -30.41 -16.96
C LYS A 256 6.91 -31.23 -17.20
N ASP A 257 8.07 -30.67 -16.84
CA ASP A 257 9.34 -31.36 -17.03
C ASP A 257 9.42 -32.56 -16.09
N GLU A 258 9.03 -32.34 -14.83
CA GLU A 258 9.13 -33.37 -13.80
C GLU A 258 8.15 -34.51 -14.12
N GLN A 259 7.04 -34.14 -14.75
CA GLN A 259 6.01 -35.10 -15.12
C GLN A 259 6.54 -35.99 -16.24
N ILE A 260 7.24 -35.36 -17.20
CA ILE A 260 7.72 -36.05 -18.38
C ILE A 260 8.83 -37.01 -17.97
N GLU A 261 9.70 -36.57 -17.07
CA GLU A 261 10.80 -37.40 -16.60
C GLU A 261 10.23 -38.65 -15.95
N HIS A 262 9.16 -38.47 -15.18
CA HIS A 262 8.49 -39.54 -14.48
C HIS A 262 7.87 -40.52 -15.48
N TRP A 263 7.15 -40.00 -16.49
CA TRP A 263 6.55 -40.82 -17.52
C TRP A 263 7.61 -41.65 -18.26
N LYS A 264 8.81 -41.09 -18.42
CA LYS A 264 9.90 -41.76 -19.11
C LYS A 264 10.49 -42.88 -18.25
N LYS A 265 10.48 -42.69 -16.92
CA LYS A 265 10.93 -43.73 -16.00
C LYS A 265 9.95 -44.90 -16.02
N ILE A 266 8.65 -44.58 -16.07
CA ILE A 266 7.61 -45.59 -16.10
C ILE A 266 7.74 -46.39 -17.40
N VAL A 267 7.90 -45.70 -18.53
CA VAL A 267 7.92 -46.35 -19.83
C VAL A 267 9.15 -47.25 -19.94
N LYS A 268 10.29 -46.79 -19.40
CA LYS A 268 11.54 -47.53 -19.37
C LYS A 268 11.33 -48.84 -18.63
N THR A 269 10.75 -48.74 -17.43
CA THR A 269 10.50 -49.88 -16.54
C THR A 269 9.54 -50.86 -17.21
N GLN A 270 8.51 -50.36 -17.90
CA GLN A 270 7.55 -51.20 -18.58
C GLN A 270 8.18 -51.95 -19.76
N GLU A 271 9.14 -51.30 -20.41
CA GLU A 271 9.84 -51.91 -21.54
C GLU A 271 10.72 -53.05 -21.02
N GLU A 272 11.41 -52.80 -19.90
CA GLU A 272 12.27 -53.77 -19.26
C GLU A 272 11.47 -55.02 -18.90
N LEU A 273 10.30 -54.81 -18.28
CA LEU A 273 9.40 -55.88 -17.87
C LEU A 273 8.98 -56.71 -19.08
N LYS A 274 8.60 -56.02 -20.17
CA LYS A 274 8.08 -56.64 -21.36
C LYS A 274 9.13 -57.56 -22.00
N GLU A 275 10.40 -57.15 -21.92
CA GLU A 275 11.50 -57.87 -22.55
C GLU A 275 11.96 -59.01 -21.66
N LEU A 276 11.78 -58.85 -20.33
CA LEU A 276 12.17 -59.89 -19.39
C LEU A 276 11.16 -61.03 -19.41
N LEU A 277 9.87 -60.69 -19.56
CA LEU A 277 8.83 -61.68 -19.80
C LEU A 277 9.22 -62.53 -20.99
N ASN A 278 9.58 -61.87 -22.09
CA ASN A 278 9.84 -62.50 -23.37
C ASN A 278 10.93 -63.57 -23.22
N LYS A 279 12.03 -63.20 -22.55
CA LYS A 279 13.17 -64.09 -22.39
C LYS A 279 12.85 -65.21 -21.40
N MET A 280 11.90 -64.95 -20.49
CA MET A 280 11.49 -65.91 -19.48
C MET A 280 10.48 -66.88 -20.11
N VAL A 281 9.81 -66.44 -21.18
CA VAL A 281 8.92 -67.29 -21.94
C VAL A 281 9.75 -68.22 -22.83
N ASN A 282 10.95 -67.77 -23.20
CA ASN A 282 11.83 -68.55 -24.05
C ASN A 282 12.63 -69.55 -23.21
N LEU A 283 13.02 -69.15 -21.99
CA LEU A 283 13.71 -70.04 -21.07
C LEU A 283 12.75 -71.14 -20.59
N LYS A 284 11.44 -70.90 -20.72
CA LYS A 284 10.40 -71.84 -20.36
C LYS A 284 10.20 -72.87 -21.47
N GLU A 285 10.34 -72.44 -22.72
CA GLU A 285 10.21 -73.32 -23.87
C GLU A 285 11.43 -74.23 -23.94
N LYS A 286 12.55 -73.76 -23.38
CA LYS A 286 13.83 -74.44 -23.38
C LYS A 286 13.84 -75.49 -22.26
N ILE A 287 12.98 -75.30 -21.26
CA ILE A 287 12.79 -76.22 -20.15
C ILE A 287 11.86 -77.35 -20.58
N LYS A 288 10.77 -76.99 -21.28
CA LYS A 288 9.81 -77.94 -21.84
C LYS A 288 10.55 -78.98 -22.68
N GLU A 289 11.52 -78.51 -23.48
CA GLU A 289 12.20 -79.34 -24.47
C GLU A 289 13.20 -80.27 -23.79
N LEU A 290 13.75 -79.84 -22.64
CA LEU A 290 14.63 -80.71 -21.89
C LEU A 290 13.78 -81.73 -21.11
N HIS A 291 13.38 -82.78 -21.84
CA HIS A 291 12.68 -83.93 -21.30
C HIS A 291 12.86 -85.11 -22.26
N ILE A 306 27.26 -94.70 -22.93
CA ILE A 306 26.87 -93.80 -21.79
C ILE A 306 25.79 -94.49 -20.96
N THR A 307 26.09 -94.70 -19.67
CA THR A 307 25.24 -95.47 -18.77
C THR A 307 23.95 -94.68 -18.48
N ALA A 308 22.89 -95.42 -18.12
CA ALA A 308 21.63 -94.86 -17.70
C ALA A 308 21.84 -93.90 -16.54
N GLU A 309 22.74 -94.28 -15.62
CA GLU A 309 23.01 -93.59 -14.38
C GLU A 309 23.71 -92.25 -14.63
N PHE A 310 24.51 -92.16 -15.71
CA PHE A 310 25.25 -90.95 -16.00
C PHE A 310 24.43 -89.98 -16.85
N LEU A 311 23.41 -90.48 -17.56
CA LEU A 311 22.49 -89.62 -18.29
C LEU A 311 21.57 -88.88 -17.31
N VAL A 312 21.20 -89.56 -16.22
CA VAL A 312 20.37 -89.03 -15.16
C VAL A 312 21.08 -87.84 -14.52
N LYS A 313 22.33 -88.05 -14.08
CA LYS A 313 23.11 -87.02 -13.42
C LYS A 313 23.37 -85.84 -14.35
N SER A 314 23.48 -86.12 -15.66
CA SER A 314 23.80 -85.10 -16.67
C SER A 314 22.58 -84.22 -16.93
N LYS A 315 21.41 -84.85 -17.09
CA LYS A 315 20.19 -84.11 -17.34
C LYS A 315 19.67 -83.53 -16.03
N HIS A 316 20.44 -83.72 -14.95
CA HIS A 316 20.18 -83.09 -13.67
C HIS A 316 20.95 -81.78 -13.56
N ARG A 317 22.29 -81.84 -13.73
CA ARG A 317 23.11 -80.64 -13.63
C ARG A 317 22.80 -79.69 -14.79
N ASP A 318 22.06 -80.19 -15.79
CA ASP A 318 21.59 -79.37 -16.91
C ASP A 318 20.42 -78.50 -16.49
N LEU A 319 19.48 -79.08 -15.74
CA LEU A 319 18.29 -78.32 -15.34
C LEU A 319 18.60 -77.39 -14.19
N THR A 320 19.47 -77.81 -13.27
CA THR A 320 19.85 -76.97 -12.13
C THR A 320 20.61 -75.74 -12.61
N ALA A 321 21.24 -75.85 -13.80
CA ALA A 321 21.90 -74.71 -14.42
C ALA A 321 20.85 -73.80 -15.04
N LEU A 322 19.81 -74.39 -15.66
CA LEU A 322 18.74 -73.66 -16.30
C LEU A 322 17.81 -73.05 -15.25
N CYS A 323 17.70 -73.73 -14.11
CA CYS A 323 16.73 -73.36 -13.10
C CYS A 323 17.27 -72.23 -12.21
N LYS A 324 18.56 -72.31 -11.87
CA LYS A 324 19.18 -71.22 -11.13
C LYS A 324 19.63 -70.11 -12.07
N GLU A 325 19.24 -70.24 -13.35
CA GLU A 325 19.33 -69.16 -14.32
C GLU A 325 17.99 -68.42 -14.35
N TYR A 326 16.90 -69.20 -14.25
CA TYR A 326 15.54 -68.69 -14.35
C TYR A 326 15.12 -68.02 -13.05
N ASP A 327 15.31 -68.73 -11.92
CA ASP A 327 14.98 -68.21 -10.60
C ASP A 327 15.68 -66.86 -10.41
N GLU A 328 16.87 -66.75 -11.01
CA GLU A 328 17.66 -65.53 -11.01
C GLU A 328 16.90 -64.42 -11.74
N LEU A 329 16.19 -64.78 -12.82
CA LEU A 329 15.49 -63.81 -13.65
C LEU A 329 14.15 -63.44 -13.02
N ALA A 330 13.57 -64.34 -12.22
CA ALA A 330 12.31 -64.09 -11.54
C ALA A 330 12.53 -63.08 -10.41
N GLU A 331 13.80 -62.88 -10.06
CA GLU A 331 14.24 -62.01 -8.97
C GLU A 331 14.51 -60.60 -9.50
N THR A 332 15.12 -60.52 -10.69
CA THR A 332 15.26 -59.24 -11.39
C THR A 332 13.90 -58.79 -11.90
N GLN A 333 12.96 -59.73 -12.04
CA GLN A 333 11.58 -59.42 -12.32
C GLN A 333 10.94 -58.77 -11.10
N GLY A 334 11.10 -59.42 -9.94
CA GLY A 334 10.52 -58.98 -8.68
C GLY A 334 10.85 -57.53 -8.35
N LYS A 335 12.12 -57.15 -8.55
CA LYS A 335 12.64 -55.83 -8.22
C LYS A 335 12.22 -54.79 -9.26
N LEU A 336 11.44 -55.23 -10.26
CA LEU A 336 11.02 -54.35 -11.35
C LEU A 336 9.52 -54.02 -11.23
N GLU A 337 8.71 -55.00 -10.80
CA GLU A 337 7.29 -54.77 -10.60
C GLU A 337 7.09 -53.94 -9.33
N GLU A 338 8.08 -54.04 -8.43
CA GLU A 338 8.14 -53.27 -7.20
C GLU A 338 8.50 -51.83 -7.54
N LYS A 339 9.61 -51.65 -8.28
CA LYS A 339 10.10 -50.34 -8.68
C LYS A 339 9.05 -49.64 -9.52
N LEU A 340 8.26 -50.41 -10.28
CA LEU A 340 7.21 -49.85 -11.12
C LEU A 340 6.06 -49.33 -10.24
N GLN A 341 5.56 -50.18 -9.35
CA GLN A 341 4.36 -49.83 -8.60
C GLN A 341 4.67 -48.72 -7.60
N GLU A 342 5.96 -48.54 -7.28
CA GLU A 342 6.45 -47.45 -6.45
C GLU A 342 6.45 -46.14 -7.26
N LEU A 343 6.76 -46.24 -8.56
CA LEU A 343 6.74 -45.08 -9.44
C LEU A 343 5.30 -44.63 -9.66
N GLU A 344 4.41 -45.57 -10.01
CA GLU A 344 3.06 -45.21 -10.39
C GLU A 344 2.20 -44.93 -9.15
N ALA A 345 2.81 -45.01 -7.97
CA ALA A 345 2.14 -44.66 -6.72
C ALA A 345 2.73 -43.39 -6.12
N ASN A 346 3.84 -42.91 -6.70
CA ASN A 346 4.50 -41.70 -6.23
C ASN A 346 4.66 -40.68 -7.36
N PRO A 347 3.58 -40.31 -8.10
CA PRO A 347 3.70 -39.30 -9.16
C PRO A 347 4.08 -37.95 -8.56
N PRO A 348 4.77 -37.06 -9.30
CA PRO A 348 4.82 -35.65 -8.94
C PRO A 348 3.50 -35.00 -9.39
N SER A 349 3.27 -33.75 -8.94
CA SER A 349 2.08 -33.01 -9.29
C SER A 349 1.90 -33.02 -10.79
N ASP A 350 0.64 -33.02 -11.24
CA ASP A 350 0.38 -32.98 -12.66
C ASP A 350 0.02 -31.55 -13.09
N VAL A 351 -0.16 -30.65 -12.11
CA VAL A 351 -0.41 -29.23 -12.35
C VAL A 351 0.35 -28.41 -11.32
N TYR A 352 0.66 -27.16 -11.70
CA TYR A 352 1.26 -26.22 -10.77
C TYR A 352 0.22 -25.81 -9.73
N LEU A 353 -0.94 -25.36 -10.23
CA LEU A 353 -2.08 -25.08 -9.36
C LEU A 353 -3.36 -25.52 -10.06
N SER A 354 -4.25 -26.15 -9.27
CA SER A 354 -5.57 -26.50 -9.75
C SER A 354 -6.36 -25.23 -10.07
N SER A 355 -7.48 -25.38 -10.78
CA SER A 355 -8.44 -24.31 -10.97
C SER A 355 -8.76 -23.64 -9.64
N ARG A 356 -9.13 -24.45 -8.63
CA ARG A 356 -9.47 -23.93 -7.32
C ARG A 356 -8.30 -23.15 -6.72
N ASP A 357 -7.09 -23.72 -6.84
CA ASP A 357 -5.91 -23.15 -6.19
C ASP A 357 -5.55 -21.79 -6.80
N ARG A 358 -5.73 -21.68 -8.13
CA ARG A 358 -5.40 -20.49 -8.89
C ARG A 358 -6.35 -19.36 -8.50
N GLN A 359 -7.60 -19.72 -8.20
CA GLN A 359 -8.60 -18.76 -7.76
C GLN A 359 -8.19 -18.17 -6.41
N ILE A 360 -7.71 -19.03 -5.50
CA ILE A 360 -7.28 -18.58 -4.19
C ILE A 360 -6.04 -17.70 -4.32
N LEU A 361 -5.11 -18.09 -5.19
CA LEU A 361 -3.95 -17.25 -5.46
C LEU A 361 -4.41 -15.88 -5.96
N ASP A 362 -5.45 -15.88 -6.81
CA ASP A 362 -6.00 -14.65 -7.35
C ASP A 362 -6.54 -13.76 -6.24
N TRP A 363 -6.97 -14.36 -5.12
CA TRP A 363 -7.41 -13.57 -3.98
C TRP A 363 -6.25 -12.75 -3.44
N HIS A 364 -5.06 -13.37 -3.36
CA HIS A 364 -3.86 -12.70 -2.87
C HIS A 364 -3.44 -11.57 -3.83
N PHE A 365 -3.59 -11.80 -5.14
CA PHE A 365 -3.27 -10.78 -6.13
C PHE A 365 -4.24 -9.59 -6.00
N ALA A 366 -5.53 -9.91 -5.80
CA ALA A 366 -6.57 -8.91 -5.58
C ALA A 366 -6.21 -8.06 -4.36
N ASN A 367 -5.71 -8.72 -3.31
CA ASN A 367 -5.35 -8.04 -2.09
C ASN A 367 -4.21 -7.05 -2.35
N LEU A 368 -3.28 -7.46 -3.20
CA LEU A 368 -2.16 -6.60 -3.57
C LEU A 368 -2.64 -5.45 -4.47
N GLU A 369 -3.66 -5.71 -5.29
CA GLU A 369 -4.18 -4.68 -6.17
C GLU A 369 -4.92 -3.64 -5.35
N PHE A 370 -5.51 -4.08 -4.22
CA PHE A 370 -6.16 -3.19 -3.27
C PHE A 370 -5.11 -2.25 -2.65
N ALA A 371 -4.05 -2.83 -2.10
CA ALA A 371 -3.01 -2.06 -1.42
C ALA A 371 -2.45 -0.98 -2.35
N ASN A 372 -2.29 -1.31 -3.65
CA ASN A 372 -1.65 -0.41 -4.60
C ASN A 372 -2.68 0.40 -5.42
N ALA A 373 -3.97 0.06 -5.26
CA ALA A 373 -5.10 0.72 -5.89
C ALA A 373 -5.10 0.61 -7.42
N THR A 374 -4.55 -0.48 -7.97
CA THR A 374 -4.42 -0.58 -9.42
C THR A 374 -4.13 -2.01 -9.82
N PRO A 375 -4.52 -2.46 -11.04
CA PRO A 375 -4.13 -3.79 -11.55
C PRO A 375 -2.60 -3.89 -11.59
N LEU A 376 -2.08 -5.10 -11.32
CA LEU A 376 -0.64 -5.29 -11.14
C LEU A 376 0.09 -5.06 -12.46
N SER A 377 -0.62 -5.23 -13.59
CA SER A 377 0.01 -5.03 -14.89
C SER A 377 0.30 -3.54 -15.17
N THR A 378 -0.06 -2.65 -14.24
CA THR A 378 0.23 -1.23 -14.41
C THR A 378 1.37 -0.78 -13.49
N LEU A 379 1.74 -1.62 -12.52
CA LEU A 379 2.72 -1.24 -11.51
C LEU A 379 4.11 -1.46 -12.07
N SER A 380 5.04 -0.55 -11.72
CA SER A 380 6.45 -0.68 -12.04
C SER A 380 7.06 -1.85 -11.27
N LEU A 381 7.68 -2.79 -11.98
CA LEU A 381 8.32 -3.91 -11.31
C LEU A 381 9.41 -3.40 -10.38
N LYS A 382 10.23 -2.46 -10.86
CA LYS A 382 11.40 -2.04 -10.12
C LYS A 382 11.04 -1.17 -8.91
N HIS A 383 9.96 -0.38 -9.03
CA HIS A 383 9.76 0.74 -8.13
C HIS A 383 8.45 0.69 -7.33
N TRP A 384 7.58 -0.28 -7.59
CA TRP A 384 6.23 -0.29 -7.01
C TRP A 384 6.28 -0.20 -5.49
N ASP A 385 7.34 -0.77 -4.90
CA ASP A 385 7.46 -0.82 -3.45
C ASP A 385 8.64 0.05 -2.99
N GLN A 386 8.94 1.12 -3.72
CA GLN A 386 10.14 1.91 -3.43
C GLN A 386 10.10 2.51 -2.02
N ASP A 387 8.91 2.54 -1.40
CA ASP A 387 8.71 3.22 -0.12
C ASP A 387 8.73 2.24 1.05
N ASP A 388 9.03 0.97 0.77
CA ASP A 388 9.11 -0.08 1.78
C ASP A 388 9.97 0.34 2.98
N ASP A 389 11.11 0.98 2.70
CA ASP A 389 12.13 1.27 3.70
C ASP A 389 11.59 2.14 4.84
N PHE A 390 10.46 2.83 4.61
CA PHE A 390 10.01 3.90 5.49
C PHE A 390 8.74 3.52 6.27
N GLU A 391 8.36 2.24 6.20
CA GLU A 391 7.20 1.74 6.93
C GLU A 391 7.37 1.96 8.42
N PHE A 392 6.28 2.33 9.09
CA PHE A 392 6.27 2.57 10.53
C PHE A 392 6.22 1.22 11.27
N THR A 393 6.51 1.25 12.58
CA THR A 393 6.42 0.04 13.38
C THR A 393 5.13 0.05 14.20
N GLY A 394 4.71 -1.15 14.61
CA GLY A 394 3.52 -1.31 15.44
C GLY A 394 2.36 -1.86 14.62
N SER A 395 1.29 -2.28 15.32
CA SER A 395 0.08 -2.80 14.70
C SER A 395 -0.64 -1.69 13.95
N HIS A 396 -1.33 -2.10 12.87
CA HIS A 396 -2.17 -1.21 12.08
C HIS A 396 -3.51 -1.04 12.80
N LEU A 397 -4.02 0.19 12.83
CA LEU A 397 -5.19 0.52 13.64
C LEU A 397 -6.27 1.13 12.76
N THR A 398 -7.52 1.01 13.21
CA THR A 398 -8.66 1.66 12.58
C THR A 398 -9.12 2.79 13.49
N VAL A 399 -9.98 3.66 12.96
CA VAL A 399 -10.48 4.81 13.70
C VAL A 399 -11.95 4.56 14.04
N ARG A 400 -12.25 4.49 15.34
CA ARG A 400 -13.56 4.06 15.83
C ARG A 400 -14.63 5.10 15.51
N ASN A 401 -14.33 6.37 15.77
CA ASN A 401 -15.29 7.45 15.66
C ASN A 401 -15.25 8.08 14.26
N GLY A 402 -14.52 7.46 13.31
CA GLY A 402 -14.45 7.95 11.95
C GLY A 402 -13.29 8.92 11.73
N TYR A 403 -12.55 8.71 10.64
CA TYR A 403 -11.29 9.40 10.41
C TYR A 403 -11.51 10.91 10.22
N SER A 404 -12.74 11.33 9.90
CA SER A 404 -12.97 12.73 9.57
C SER A 404 -12.79 13.66 10.78
N CYS A 405 -12.75 13.08 11.98
CA CYS A 405 -12.49 13.93 13.15
C CYS A 405 -11.14 14.66 13.01
N VAL A 406 -10.21 14.12 12.21
CA VAL A 406 -8.91 14.74 12.03
C VAL A 406 -9.03 16.02 11.18
N PRO A 407 -9.45 15.97 9.90
CA PRO A 407 -9.62 17.20 9.12
C PRO A 407 -10.57 18.22 9.75
N VAL A 408 -11.63 17.73 10.42
CA VAL A 408 -12.59 18.61 11.06
C VAL A 408 -11.90 19.41 12.18
N ALA A 409 -11.06 18.74 12.98
CA ALA A 409 -10.36 19.41 14.07
C ALA A 409 -9.31 20.37 13.52
N LEU A 410 -8.64 19.96 12.43
CA LEU A 410 -7.59 20.77 11.81
C LEU A 410 -8.17 22.03 11.17
N ALA A 411 -9.46 22.00 10.80
CA ALA A 411 -10.12 23.14 10.16
C ALA A 411 -10.42 24.27 11.15
N GLU A 412 -10.47 23.95 12.45
CA GLU A 412 -10.83 24.93 13.46
C GLU A 412 -9.98 26.19 13.33
N GLY A 413 -10.64 27.31 13.02
CA GLY A 413 -10.03 28.63 13.09
C GLY A 413 -9.47 29.09 11.75
N LEU A 414 -9.66 28.28 10.69
CA LEU A 414 -9.06 28.58 9.40
C LEU A 414 -10.10 29.24 8.49
N ASP A 415 -9.64 30.08 7.56
CA ASP A 415 -10.49 30.69 6.57
C ASP A 415 -10.67 29.76 5.37
N ILE A 416 -11.75 28.97 5.40
CA ILE A 416 -12.03 27.99 4.34
C ILE A 416 -13.27 28.40 3.55
N LYS A 417 -13.10 28.52 2.22
CA LYS A 417 -14.23 28.76 1.33
C LYS A 417 -14.68 27.46 0.70
N LEU A 418 -15.81 26.92 1.19
CA LEU A 418 -16.41 25.73 0.62
C LEU A 418 -17.13 26.07 -0.70
N ASN A 419 -17.52 25.02 -1.44
CA ASN A 419 -18.27 25.12 -2.69
C ASN A 419 -17.60 26.13 -3.61
N THR A 420 -16.26 26.15 -3.58
CA THR A 420 -15.45 27.10 -4.32
C THR A 420 -14.43 26.31 -5.13
N ALA A 421 -14.72 26.12 -6.42
CA ALA A 421 -13.88 25.32 -7.30
C ALA A 421 -12.98 26.23 -8.12
N VAL A 422 -11.66 26.07 -7.93
CA VAL A 422 -10.65 26.81 -8.65
C VAL A 422 -10.65 26.35 -10.11
N ARG A 423 -10.53 27.31 -11.05
CA ARG A 423 -10.53 27.00 -12.47
C ARG A 423 -9.28 27.57 -13.16
N GLN A 424 -8.69 28.62 -12.58
CA GLN A 424 -7.50 29.21 -13.18
C GLN A 424 -6.53 29.68 -12.11
N VAL A 425 -5.24 29.46 -12.37
CA VAL A 425 -4.16 29.90 -11.51
C VAL A 425 -3.19 30.71 -12.37
N ARG A 426 -3.06 32.00 -12.05
CA ARG A 426 -2.13 32.88 -12.73
C ARG A 426 -1.03 33.26 -11.73
N TYR A 427 0.22 33.15 -12.17
CA TYR A 427 1.37 33.46 -11.34
C TYR A 427 2.38 34.24 -12.19
N THR A 428 2.84 35.37 -11.65
CA THR A 428 3.83 36.21 -12.31
C THR A 428 4.96 36.50 -11.34
N ALA A 429 5.97 37.25 -11.81
CA ALA A 429 7.09 37.65 -10.98
C ALA A 429 6.64 38.65 -9.91
N SER A 430 5.43 39.20 -10.06
CA SER A 430 4.93 40.23 -9.17
C SER A 430 3.84 39.72 -8.23
N GLY A 431 3.37 38.48 -8.44
CA GLY A 431 2.33 37.91 -7.59
C GLY A 431 1.41 36.99 -8.36
N CYS A 432 0.32 36.54 -7.71
CA CYS A 432 -0.56 35.55 -8.30
C CYS A 432 -2.02 35.96 -8.15
N GLU A 433 -2.86 35.34 -8.98
CA GLU A 433 -4.32 35.45 -8.88
C GLU A 433 -4.90 34.06 -9.10
N VAL A 434 -5.98 33.75 -8.36
CA VAL A 434 -6.65 32.47 -8.52
C VAL A 434 -8.13 32.71 -8.78
N ILE A 435 -8.65 32.12 -9.86
CA ILE A 435 -10.05 32.30 -10.21
C ILE A 435 -10.82 31.04 -9.85
N ALA A 436 -11.94 31.23 -9.13
CA ALA A 436 -12.80 30.13 -8.71
C ALA A 436 -14.24 30.46 -9.04
N VAL A 437 -15.06 29.41 -9.19
CA VAL A 437 -16.48 29.58 -9.40
C VAL A 437 -17.20 28.92 -8.23
N ASN A 438 -18.39 29.44 -7.90
CA ASN A 438 -19.24 28.79 -6.92
C ASN A 438 -19.87 27.58 -7.59
N THR A 439 -19.88 26.45 -6.88
CA THR A 439 -20.37 25.20 -7.44
C THR A 439 -21.88 25.12 -7.27
N ARG A 440 -22.49 26.15 -6.67
CA ARG A 440 -23.93 26.16 -6.45
C ARG A 440 -24.59 27.15 -7.41
N SER A 441 -23.82 28.16 -7.83
CA SER A 441 -24.24 29.13 -8.83
C SER A 441 -23.04 29.48 -9.72
N THR A 442 -22.83 28.67 -10.78
CA THR A 442 -21.62 28.71 -11.57
C THR A 442 -21.51 30.02 -12.36
N SER A 443 -22.51 30.90 -12.18
CA SER A 443 -22.49 32.25 -12.71
C SER A 443 -21.46 33.09 -11.96
N GLN A 444 -21.59 33.16 -10.63
CA GLN A 444 -20.74 34.02 -9.82
C GLN A 444 -19.34 33.43 -9.66
N THR A 445 -18.34 34.25 -9.99
CA THR A 445 -16.94 33.87 -9.90
C THR A 445 -16.25 34.78 -8.87
N PHE A 446 -15.00 34.45 -8.54
CA PHE A 446 -14.20 35.20 -7.57
C PHE A 446 -12.75 35.26 -8.06
N ILE A 447 -12.07 36.36 -7.75
CA ILE A 447 -10.64 36.50 -8.04
C ILE A 447 -9.91 36.81 -6.74
N TYR A 448 -8.98 35.94 -6.35
CA TYR A 448 -8.20 36.12 -5.12
C TYR A 448 -6.74 36.40 -5.48
N LYS A 449 -6.24 37.55 -5.04
CA LYS A 449 -4.83 37.91 -5.24
C LYS A 449 -4.03 37.41 -4.05
N CYS A 450 -2.75 37.09 -4.30
CA CYS A 450 -1.89 36.56 -3.25
C CYS A 450 -0.44 36.62 -3.70
N ASP A 451 0.46 36.33 -2.75
CA ASP A 451 1.88 36.27 -2.99
C ASP A 451 2.29 34.86 -3.42
N ALA A 452 1.56 33.84 -2.96
CA ALA A 452 1.93 32.45 -3.22
C ALA A 452 0.69 31.57 -3.35
N VAL A 453 0.78 30.53 -4.19
CA VAL A 453 -0.28 29.56 -4.31
C VAL A 453 0.25 28.19 -3.89
N LEU A 454 -0.49 27.51 -3.01
CA LEU A 454 -0.17 26.12 -2.70
C LEU A 454 -1.24 25.23 -3.31
N CYS A 455 -0.82 24.44 -4.30
CA CYS A 455 -1.72 23.54 -5.00
C CYS A 455 -1.68 22.17 -4.33
N THR A 456 -2.81 21.74 -3.77
CA THR A 456 -2.93 20.40 -3.21
C THR A 456 -3.95 19.57 -4.01
N LEU A 457 -4.19 19.94 -5.27
CA LEU A 457 -5.09 19.18 -6.12
C LEU A 457 -4.60 17.75 -6.27
N PRO A 458 -5.49 16.73 -6.17
CA PRO A 458 -5.09 15.34 -6.36
C PRO A 458 -4.46 15.15 -7.73
N LEU A 459 -3.53 14.19 -7.83
CA LEU A 459 -2.88 13.86 -9.10
C LEU A 459 -3.94 13.59 -10.18
N GLY A 460 -5.04 12.94 -9.78
CA GLY A 460 -6.14 12.65 -10.69
C GLY A 460 -6.70 13.91 -11.35
N VAL A 461 -6.77 15.00 -10.58
CA VAL A 461 -7.32 16.24 -11.11
C VAL A 461 -6.29 16.91 -12.01
N LEU A 462 -4.99 16.79 -11.66
CA LEU A 462 -3.92 17.33 -12.50
C LEU A 462 -3.83 16.60 -13.83
N LYS A 463 -4.26 15.33 -13.87
CA LYS A 463 -4.14 14.52 -15.08
C LYS A 463 -5.31 14.79 -16.02
N GLN A 464 -6.36 15.46 -15.52
CA GLN A 464 -7.67 15.46 -16.17
C GLN A 464 -7.57 16.05 -17.59
N GLN A 465 -8.27 15.39 -18.53
CA GLN A 465 -8.35 15.85 -19.91
C GLN A 465 -9.81 15.82 -20.37
N PRO A 466 -10.41 16.95 -20.82
CA PRO A 466 -9.73 18.25 -20.84
C PRO A 466 -9.52 18.81 -19.43
N PRO A 467 -8.60 19.79 -19.23
CA PRO A 467 -8.17 20.20 -17.89
C PRO A 467 -9.30 20.75 -17.02
N ALA A 468 -9.17 20.56 -15.70
CA ALA A 468 -10.14 21.08 -14.75
C ALA A 468 -9.67 22.45 -14.28
N VAL A 469 -8.34 22.64 -14.28
CA VAL A 469 -7.74 23.88 -13.83
C VAL A 469 -6.71 24.31 -14.86
N GLN A 470 -6.77 25.58 -15.27
CA GLN A 470 -5.81 26.14 -16.19
C GLN A 470 -4.72 26.87 -15.41
N PHE A 471 -3.47 26.59 -15.76
CA PHE A 471 -2.32 27.31 -15.25
C PHE A 471 -1.84 28.32 -16.30
N VAL A 472 -1.66 29.57 -15.88
CA VAL A 472 -1.19 30.62 -16.77
C VAL A 472 0.01 31.31 -16.10
N PRO A 473 1.25 31.17 -16.62
CA PRO A 473 1.53 30.40 -17.83
C PRO A 473 1.42 28.89 -17.63
N PRO A 474 1.35 28.08 -18.72
CA PRO A 474 1.22 26.63 -18.59
C PRO A 474 2.37 26.05 -17.76
N LEU A 475 2.09 24.95 -17.04
CA LEU A 475 3.12 24.32 -16.24
C LEU A 475 4.24 23.88 -17.18
N PRO A 476 5.52 23.98 -16.77
CA PRO A 476 6.64 23.56 -17.60
C PRO A 476 6.59 22.05 -17.89
N GLU A 477 7.28 21.64 -18.96
CA GLU A 477 7.21 20.30 -19.50
C GLU A 477 7.69 19.29 -18.46
N TRP A 478 8.72 19.64 -17.68
CA TRP A 478 9.29 18.72 -16.72
C TRP A 478 8.25 18.32 -15.67
N LYS A 479 7.25 19.18 -15.47
CA LYS A 479 6.22 18.92 -14.46
C LYS A 479 5.09 18.10 -15.05
N THR A 480 4.60 18.50 -16.24
CA THR A 480 3.46 17.86 -16.87
C THR A 480 3.79 16.42 -17.25
N SER A 481 5.06 16.15 -17.59
CA SER A 481 5.45 14.82 -18.03
C SER A 481 5.50 13.88 -16.83
N ALA A 482 5.93 14.42 -15.68
CA ALA A 482 5.86 13.75 -14.40
C ALA A 482 4.41 13.38 -14.08
N VAL A 483 3.51 14.36 -14.18
CA VAL A 483 2.08 14.17 -13.97
C VAL A 483 1.59 13.04 -14.86
N GLN A 484 2.07 13.00 -16.10
CA GLN A 484 1.58 12.03 -17.07
C GLN A 484 2.12 10.64 -16.77
N ARG A 485 3.38 10.55 -16.32
CA ARG A 485 3.98 9.24 -16.10
C ARG A 485 3.39 8.57 -14.85
N MET A 486 3.13 9.36 -13.82
CA MET A 486 2.74 8.81 -12.53
C MET A 486 1.40 8.11 -12.65
N GLY A 487 1.21 7.03 -11.86
CA GLY A 487 -0.08 6.37 -11.80
C GLY A 487 -1.02 7.02 -10.79
N PHE A 488 -2.32 7.03 -11.13
CA PHE A 488 -3.35 7.39 -10.19
C PHE A 488 -4.42 6.31 -10.22
N GLY A 489 -4.58 5.61 -9.08
CA GLY A 489 -5.34 4.37 -9.05
C GLY A 489 -6.79 4.59 -8.63
N ASN A 490 -7.45 3.48 -8.28
CA ASN A 490 -8.85 3.46 -7.89
C ASN A 490 -9.08 2.28 -6.94
N LEU A 491 -10.03 2.48 -6.02
CA LEU A 491 -10.43 1.51 -5.03
C LEU A 491 -11.75 2.01 -4.46
N ASN A 492 -12.74 1.11 -4.34
CA ASN A 492 -14.04 1.53 -3.83
C ASN A 492 -14.51 0.63 -2.68
N LYS A 493 -15.52 1.14 -1.95
CA LYS A 493 -16.10 0.43 -0.84
C LYS A 493 -17.63 0.48 -0.93
N VAL A 494 -18.25 -0.62 -0.51
CA VAL A 494 -19.68 -0.72 -0.32
C VAL A 494 -19.93 -0.87 1.18
N VAL A 495 -20.70 0.05 1.75
CA VAL A 495 -21.01 0.05 3.17
C VAL A 495 -22.39 -0.56 3.37
N LEU A 496 -22.47 -1.59 4.23
CA LEU A 496 -23.73 -2.22 4.58
C LEU A 496 -23.97 -2.08 6.08
N CYS A 497 -25.00 -1.30 6.42
CA CYS A 497 -25.42 -1.09 7.80
C CYS A 497 -26.63 -1.97 8.11
N PHE A 498 -26.46 -2.88 9.08
CA PHE A 498 -27.52 -3.81 9.48
C PHE A 498 -28.00 -3.43 10.89
N ASP A 499 -29.11 -4.05 11.31
CA ASP A 499 -29.60 -3.81 12.65
C ASP A 499 -29.08 -4.88 13.62
N ARG A 500 -28.45 -5.94 13.10
CA ARG A 500 -27.81 -6.90 13.98
C ARG A 500 -26.60 -7.57 13.33
N VAL A 501 -25.69 -8.03 14.20
CA VAL A 501 -24.47 -8.74 13.84
C VAL A 501 -24.80 -10.21 13.59
N PHE A 502 -24.61 -10.66 12.34
CA PHE A 502 -24.81 -12.05 11.98
C PHE A 502 -23.49 -12.73 11.66
N TRP A 503 -22.40 -11.95 11.58
CA TRP A 503 -21.08 -12.48 11.30
C TRP A 503 -20.38 -12.84 12.62
N ASP A 504 -19.13 -13.32 12.52
CA ASP A 504 -18.33 -13.66 13.68
C ASP A 504 -17.64 -12.42 14.22
N PRO A 505 -17.92 -12.00 15.48
CA PRO A 505 -17.43 -10.72 16.00
C PRO A 505 -15.95 -10.69 16.37
N SER A 506 -15.34 -11.87 16.46
CA SER A 506 -13.93 -11.98 16.82
C SER A 506 -13.06 -12.01 15.58
N VAL A 507 -13.70 -11.78 14.43
CA VAL A 507 -13.03 -11.64 13.14
C VAL A 507 -13.31 -10.24 12.59
N ASN A 508 -12.25 -9.51 12.25
CA ASN A 508 -12.39 -8.20 11.62
C ASN A 508 -12.48 -8.34 10.10
N LEU A 509 -11.80 -9.36 9.55
CA LEU A 509 -11.67 -9.49 8.10
C LEU A 509 -12.11 -10.89 7.67
N PHE A 510 -12.78 -10.97 6.52
CA PHE A 510 -12.89 -12.24 5.82
C PHE A 510 -12.92 -11.98 4.31
N GLY A 511 -12.48 -12.99 3.55
CA GLY A 511 -12.27 -12.85 2.12
C GLY A 511 -13.26 -13.66 1.29
N HIS A 512 -13.65 -13.10 0.15
CA HIS A 512 -14.44 -13.83 -0.83
C HIS A 512 -13.58 -14.08 -2.07
N VAL A 513 -13.35 -15.37 -2.36
CA VAL A 513 -12.56 -15.79 -3.50
C VAL A 513 -13.45 -15.75 -4.74
N GLY A 514 -13.09 -14.91 -5.72
CA GLY A 514 -13.90 -14.72 -6.91
C GLY A 514 -13.86 -15.94 -7.84
N SER A 515 -14.37 -15.78 -9.07
CA SER A 515 -14.48 -16.93 -9.94
C SER A 515 -13.64 -16.76 -11.21
N THR A 516 -13.10 -15.56 -11.44
CA THR A 516 -12.19 -15.38 -12.56
C THR A 516 -11.04 -14.47 -12.16
N THR A 517 -9.93 -14.58 -12.89
CA THR A 517 -8.77 -13.71 -12.76
C THR A 517 -9.19 -12.25 -12.98
N ALA A 518 -9.91 -12.00 -14.07
CA ALA A 518 -10.33 -10.66 -14.45
C ALA A 518 -11.17 -10.01 -13.34
N SER A 519 -12.02 -10.79 -12.66
CA SER A 519 -12.96 -10.21 -11.70
C SER A 519 -12.53 -10.47 -10.25
N ARG A 520 -11.24 -10.76 -10.03
CA ARG A 520 -10.79 -11.21 -8.72
C ARG A 520 -10.95 -10.12 -7.65
N GLY A 521 -11.01 -8.85 -8.08
CA GLY A 521 -11.07 -7.73 -7.15
C GLY A 521 -12.50 -7.37 -6.76
N GLU A 522 -13.50 -8.09 -7.29
CA GLU A 522 -14.90 -7.81 -7.02
C GLU A 522 -15.30 -8.29 -5.62
N LEU A 523 -15.52 -7.34 -4.71
CA LEU A 523 -16.06 -7.65 -3.40
C LEU A 523 -15.25 -8.79 -2.77
N PHE A 524 -13.93 -8.64 -2.78
CA PHE A 524 -13.04 -9.73 -2.44
C PHE A 524 -12.80 -9.76 -0.94
N LEU A 525 -13.09 -8.64 -0.26
CA LEU A 525 -12.76 -8.53 1.16
C LEU A 525 -13.86 -7.77 1.89
N PHE A 526 -14.29 -8.33 3.04
CA PHE A 526 -15.30 -7.76 3.91
C PHE A 526 -14.68 -7.44 5.27
N TRP A 527 -15.10 -6.31 5.84
CA TRP A 527 -14.41 -5.71 6.96
C TRP A 527 -15.46 -5.27 7.98
N ASN A 528 -15.25 -5.61 9.26
CA ASN A 528 -16.15 -5.10 10.30
C ASN A 528 -15.35 -4.45 11.42
N LEU A 529 -15.78 -3.25 11.82
CA LEU A 529 -15.39 -2.64 13.09
C LEU A 529 -16.21 -3.30 14.20
N TYR A 530 -15.54 -3.68 15.29
CA TYR A 530 -16.11 -4.53 16.33
C TYR A 530 -17.31 -3.85 16.99
N LYS A 531 -18.41 -4.61 17.10
CA LYS A 531 -19.65 -4.22 17.77
C LYS A 531 -20.54 -3.41 16.83
N ALA A 532 -19.92 -2.59 15.98
CA ALA A 532 -20.63 -1.85 14.93
C ALA A 532 -21.27 -2.83 13.96
N PRO A 533 -22.61 -2.79 13.75
CA PRO A 533 -23.28 -3.75 12.86
C PRO A 533 -23.14 -3.34 11.39
N ILE A 534 -21.89 -3.06 10.98
CA ILE A 534 -21.57 -2.58 9.65
C ILE A 534 -20.54 -3.50 9.02
N LEU A 535 -20.77 -3.86 7.75
CA LEU A 535 -19.77 -4.50 6.91
C LEU A 535 -19.38 -3.54 5.78
N LEU A 536 -18.08 -3.51 5.48
CA LEU A 536 -17.53 -2.83 4.31
C LEU A 536 -16.99 -3.89 3.37
N ALA A 537 -17.42 -3.84 2.11
CA ALA A 537 -16.90 -4.71 1.07
C ALA A 537 -16.02 -3.87 0.15
N LEU A 538 -14.84 -4.40 -0.19
CA LEU A 538 -13.86 -3.68 -0.99
C LEU A 538 -13.96 -4.15 -2.44
N VAL A 539 -13.78 -3.20 -3.36
CA VAL A 539 -13.70 -3.50 -4.78
C VAL A 539 -12.35 -2.98 -5.29
N ALA A 540 -11.50 -3.90 -5.75
CA ALA A 540 -10.12 -3.55 -6.09
C ALA A 540 -9.82 -3.93 -7.53
N GLY A 541 -8.71 -3.40 -8.04
CA GLY A 541 -8.18 -3.78 -9.34
C GLY A 541 -9.10 -3.34 -10.47
N GLU A 542 -9.18 -4.18 -11.51
CA GLU A 542 -9.94 -3.89 -12.71
C GLU A 542 -11.42 -3.72 -12.37
N ALA A 543 -11.86 -4.41 -11.33
CA ALA A 543 -13.25 -4.36 -10.89
C ALA A 543 -13.62 -2.96 -10.39
N ALA A 544 -12.65 -2.24 -9.80
CA ALA A 544 -12.94 -0.96 -9.16
C ALA A 544 -13.58 0.02 -10.14
N GLY A 545 -12.93 0.20 -11.30
CA GLY A 545 -13.42 1.12 -12.31
C GLY A 545 -14.76 0.66 -12.91
N ILE A 546 -14.86 -0.64 -13.16
CA ILE A 546 -15.99 -1.20 -13.89
C ILE A 546 -17.27 -1.14 -13.05
N MET A 547 -17.13 -1.37 -11.74
CA MET A 547 -18.30 -1.55 -10.90
C MET A 547 -18.91 -0.21 -10.49
N GLU A 548 -18.21 0.88 -10.80
CA GLU A 548 -18.76 2.22 -10.64
C GLU A 548 -19.96 2.44 -11.56
N ASN A 549 -20.06 1.66 -12.64
CA ASN A 549 -21.11 1.77 -13.63
C ASN A 549 -22.35 0.96 -13.22
N ILE A 550 -22.35 0.45 -11.98
CA ILE A 550 -23.47 -0.34 -11.50
C ILE A 550 -24.10 0.45 -10.35
N SER A 551 -25.44 0.44 -10.30
CA SER A 551 -26.21 1.16 -9.30
C SER A 551 -26.00 0.53 -7.93
N ASP A 552 -26.31 1.31 -6.88
CA ASP A 552 -26.09 0.90 -5.50
C ASP A 552 -26.86 -0.38 -5.22
N ASP A 553 -28.10 -0.45 -5.72
CA ASP A 553 -29.00 -1.55 -5.43
C ASP A 553 -28.47 -2.88 -5.98
N VAL A 554 -27.94 -2.86 -7.21
CA VAL A 554 -27.46 -4.09 -7.83
C VAL A 554 -26.19 -4.56 -7.13
N ILE A 555 -25.30 -3.60 -6.79
CA ILE A 555 -24.03 -3.94 -6.17
C ILE A 555 -24.28 -4.45 -4.75
N VAL A 556 -25.28 -3.85 -4.08
CA VAL A 556 -25.68 -4.31 -2.76
C VAL A 556 -26.18 -5.75 -2.85
N GLY A 557 -27.00 -6.01 -3.89
CA GLY A 557 -27.57 -7.33 -4.11
C GLY A 557 -26.49 -8.40 -4.25
N ARG A 558 -25.40 -8.03 -4.94
CA ARG A 558 -24.29 -8.93 -5.18
C ARG A 558 -23.53 -9.21 -3.87
N CYS A 559 -23.45 -8.20 -2.99
CA CYS A 559 -22.84 -8.41 -1.68
C CYS A 559 -23.65 -9.42 -0.88
N LEU A 560 -24.98 -9.22 -0.87
CA LEU A 560 -25.88 -10.02 -0.04
C LEU A 560 -25.81 -11.49 -0.46
N ALA A 561 -25.77 -11.72 -1.78
CA ALA A 561 -25.66 -13.06 -2.33
C ALA A 561 -24.38 -13.74 -1.84
N ILE A 562 -23.26 -13.00 -1.83
CA ILE A 562 -21.99 -13.52 -1.33
C ILE A 562 -22.13 -13.87 0.14
N LEU A 563 -22.70 -12.95 0.93
CA LEU A 563 -22.83 -13.13 2.36
C LEU A 563 -23.81 -14.27 2.65
N LYS A 564 -24.83 -14.42 1.80
CA LYS A 564 -25.81 -15.48 1.97
C LYS A 564 -25.16 -16.84 1.75
N GLY A 565 -24.32 -16.92 0.71
CA GLY A 565 -23.54 -18.11 0.41
C GLY A 565 -22.65 -18.55 1.58
N ILE A 566 -22.20 -17.59 2.40
CA ILE A 566 -21.27 -17.87 3.48
C ILE A 566 -22.04 -18.22 4.76
N PHE A 567 -23.09 -17.46 5.08
CA PHE A 567 -23.71 -17.51 6.40
C PHE A 567 -25.09 -18.18 6.37
N GLY A 568 -25.59 -18.48 5.17
CA GLY A 568 -26.94 -19.02 5.02
C GLY A 568 -27.92 -17.95 4.56
N SER A 569 -28.77 -18.30 3.60
CA SER A 569 -29.66 -17.34 2.95
C SER A 569 -30.71 -16.77 3.93
N SER A 570 -30.80 -17.36 5.13
CA SER A 570 -31.80 -16.94 6.10
C SER A 570 -31.19 -16.05 7.18
N ALA A 571 -29.86 -16.11 7.34
CA ALA A 571 -29.18 -15.39 8.40
C ALA A 571 -28.89 -13.93 8.00
N VAL A 572 -29.09 -13.60 6.72
CA VAL A 572 -28.69 -12.31 6.18
C VAL A 572 -29.92 -11.46 5.88
N PRO A 573 -30.22 -10.43 6.71
CA PRO A 573 -31.38 -9.56 6.46
C PRO A 573 -31.04 -8.44 5.48
N GLN A 574 -32.07 -7.72 5.03
CA GLN A 574 -31.87 -6.52 4.24
C GLN A 574 -31.14 -5.49 5.10
N PRO A 575 -30.13 -4.79 4.55
CA PRO A 575 -29.48 -3.71 5.28
C PRO A 575 -30.42 -2.52 5.47
N LYS A 576 -30.27 -1.82 6.60
CA LYS A 576 -31.03 -0.62 6.90
C LYS A 576 -30.53 0.55 6.05
N GLU A 577 -29.21 0.58 5.78
CA GLU A 577 -28.57 1.71 5.12
C GLU A 577 -27.37 1.23 4.31
N THR A 578 -27.14 1.87 3.14
CA THR A 578 -26.01 1.55 2.29
C THR A 578 -25.39 2.83 1.73
N VAL A 579 -24.08 2.78 1.48
CA VAL A 579 -23.32 3.80 0.77
C VAL A 579 -22.29 3.08 -0.12
N VAL A 580 -22.04 3.66 -1.29
CA VAL A 580 -21.06 3.13 -2.24
C VAL A 580 -20.17 4.29 -2.68
N SER A 581 -18.84 4.12 -2.57
CA SER A 581 -17.94 5.12 -3.10
C SER A 581 -17.75 4.91 -4.60
N ARG A 582 -17.53 6.01 -5.32
CA ARG A 582 -17.13 5.97 -6.72
C ARG A 582 -16.01 6.98 -6.93
N TRP A 583 -14.81 6.67 -6.40
CA TRP A 583 -13.70 7.63 -6.40
C TRP A 583 -13.30 8.07 -7.80
N ARG A 584 -13.33 7.16 -8.78
CA ARG A 584 -12.90 7.50 -10.13
C ARG A 584 -13.82 8.55 -10.74
N ALA A 585 -15.14 8.42 -10.52
CA ALA A 585 -16.15 9.29 -11.09
C ALA A 585 -16.20 10.63 -10.35
N ASP A 586 -15.66 10.66 -9.12
CA ASP A 586 -15.71 11.85 -8.29
C ASP A 586 -14.84 12.92 -8.96
N PRO A 587 -15.43 14.06 -9.38
CA PRO A 587 -14.70 15.07 -10.14
C PRO A 587 -13.60 15.78 -9.32
N TRP A 588 -13.69 15.65 -7.99
CA TRP A 588 -12.75 16.33 -7.12
C TRP A 588 -11.62 15.40 -6.71
N ALA A 589 -11.65 14.13 -7.18
CA ALA A 589 -10.59 13.18 -6.92
C ALA A 589 -10.08 12.53 -8.21
N ARG A 590 -10.99 11.90 -8.97
CA ARG A 590 -10.69 11.21 -10.23
C ARG A 590 -9.85 9.96 -9.96
N GLY A 591 -10.07 9.34 -8.81
CA GLY A 591 -9.33 8.17 -8.41
C GLY A 591 -9.07 8.20 -6.91
N SER A 592 -8.30 7.20 -6.44
CA SER A 592 -8.15 7.01 -5.01
C SER A 592 -6.81 7.53 -4.53
N TYR A 593 -5.71 7.07 -5.14
CA TYR A 593 -4.39 7.58 -4.77
C TYR A 593 -3.34 7.12 -5.78
N SER A 594 -2.17 7.76 -5.71
CA SER A 594 -1.09 7.52 -6.65
C SER A 594 -0.52 6.12 -6.44
N TYR A 595 0.10 5.60 -7.50
CA TYR A 595 0.98 4.44 -7.46
C TYR A 595 2.12 4.69 -8.45
N VAL A 596 3.22 3.94 -8.29
CA VAL A 596 4.34 4.06 -9.21
C VAL A 596 4.08 3.20 -10.44
N ALA A 597 3.70 3.87 -11.55
CA ALA A 597 3.39 3.19 -12.79
C ALA A 597 4.68 2.67 -13.43
N ALA A 598 4.55 1.60 -14.23
CA ALA A 598 5.61 1.20 -15.14
C ALA A 598 6.02 2.40 -15.98
N GLY A 599 7.31 2.76 -15.93
CA GLY A 599 7.82 3.90 -16.66
C GLY A 599 8.05 5.12 -15.77
N SER A 600 7.63 5.01 -14.50
CA SER A 600 7.81 6.08 -13.54
C SER A 600 8.79 5.64 -12.45
N SER A 601 8.97 6.48 -11.43
CA SER A 601 9.84 6.15 -10.30
C SER A 601 9.55 7.10 -9.15
N GLY A 602 10.25 6.89 -8.03
CA GLY A 602 10.19 7.78 -6.88
C GLY A 602 10.62 9.20 -7.23
N ASN A 603 11.42 9.31 -8.30
CA ASN A 603 11.93 10.61 -8.73
C ASN A 603 10.77 11.53 -9.15
N ASP A 604 9.71 10.93 -9.68
CA ASP A 604 8.56 11.68 -10.14
C ASP A 604 7.83 12.36 -8.99
N TYR A 605 7.86 11.74 -7.80
CA TYR A 605 7.26 12.35 -6.61
C TYR A 605 8.01 13.62 -6.25
N ASP A 606 9.35 13.59 -6.36
CA ASP A 606 10.22 14.73 -6.08
C ASP A 606 9.93 15.85 -7.08
N LEU A 607 9.85 15.50 -8.38
CA LEU A 607 9.46 16.41 -9.44
C LEU A 607 8.12 17.08 -9.12
N MET A 608 7.17 16.32 -8.55
CA MET A 608 5.84 16.83 -8.24
C MET A 608 5.91 17.83 -7.09
N ALA A 609 6.89 17.66 -6.20
CA ALA A 609 7.08 18.51 -5.03
C ALA A 609 7.74 19.85 -5.40
N GLN A 610 8.44 19.91 -6.54
CA GLN A 610 9.24 21.07 -6.90
C GLN A 610 8.34 22.29 -7.20
N PRO A 611 8.61 23.46 -6.57
CA PRO A 611 7.85 24.68 -6.87
C PRO A 611 8.20 25.28 -8.22
N ILE A 612 7.27 26.08 -8.76
CA ILE A 612 7.44 26.75 -10.04
C ILE A 612 7.84 28.20 -9.78
N THR A 613 8.90 28.66 -10.46
CA THR A 613 9.26 30.07 -10.42
C THR A 613 9.06 30.65 -11.83
N PRO A 614 8.34 31.78 -12.00
CA PRO A 614 7.87 32.20 -13.33
C PRO A 614 8.96 32.77 -14.26
N GLN A 623 17.00 36.32 -10.25
CA GLN A 623 15.91 35.36 -10.60
C GLN A 623 14.61 35.80 -9.92
N PRO A 624 13.44 35.56 -10.56
CA PRO A 624 12.15 35.70 -9.88
C PRO A 624 12.09 34.79 -8.66
N ILE A 625 11.09 35.01 -7.81
CA ILE A 625 10.92 34.20 -6.61
C ILE A 625 9.90 33.10 -6.93
N PRO A 626 9.98 31.89 -6.31
CA PRO A 626 9.00 30.83 -6.53
C PRO A 626 7.59 31.23 -6.07
N ARG A 627 6.58 30.90 -6.88
CA ARG A 627 5.23 31.42 -6.64
C ARG A 627 4.20 30.30 -6.47
N LEU A 628 4.40 29.18 -7.17
CA LEU A 628 3.43 28.11 -7.20
C LEU A 628 4.04 26.88 -6.53
N PHE A 629 3.41 26.43 -5.43
CA PHE A 629 3.92 25.36 -4.60
C PHE A 629 2.96 24.17 -4.63
N PHE A 630 3.48 22.98 -4.32
CA PHE A 630 2.74 21.74 -4.47
C PHE A 630 2.84 20.88 -3.21
N ALA A 631 1.68 20.49 -2.68
CA ALA A 631 1.61 19.49 -1.63
C ALA A 631 0.55 18.45 -2.01
N GLY A 632 0.42 17.42 -1.17
CA GLY A 632 -0.46 16.30 -1.49
C GLY A 632 0.29 14.97 -1.46
N GLU A 633 -0.47 13.86 -1.41
CA GLU A 633 0.12 12.54 -1.19
C GLU A 633 1.04 12.17 -2.35
N HIS A 634 0.76 12.75 -3.52
CA HIS A 634 1.52 12.47 -4.74
C HIS A 634 2.82 13.26 -4.82
N THR A 635 3.19 13.98 -3.74
CA THR A 635 4.38 14.83 -3.78
C THR A 635 5.40 14.40 -2.72
N ILE A 636 5.16 13.25 -2.07
CA ILE A 636 6.06 12.83 -1.01
C ILE A 636 6.53 11.39 -1.25
N ARG A 637 7.78 11.30 -1.71
CA ARG A 637 8.44 10.11 -2.22
C ARG A 637 8.40 8.96 -1.20
N ASN A 638 8.57 9.27 0.08
CA ASN A 638 8.79 8.23 1.07
C ASN A 638 7.48 7.79 1.73
N TYR A 639 6.41 8.60 1.61
CA TYR A 639 5.15 8.33 2.29
C TYR A 639 3.94 8.52 1.36
N PRO A 640 3.99 8.09 0.08
CA PRO A 640 2.92 8.43 -0.86
C PRO A 640 1.64 7.67 -0.55
N ALA A 641 0.50 8.23 -0.96
CA ALA A 641 -0.79 7.56 -0.94
C ALA A 641 -1.24 7.26 0.49
N THR A 642 -0.94 8.17 1.43
CA THR A 642 -1.32 7.99 2.82
C THR A 642 -1.75 9.32 3.40
N VAL A 643 -2.39 9.30 4.58
CA VAL A 643 -2.80 10.51 5.26
C VAL A 643 -1.57 11.16 5.87
N HIS A 644 -0.69 10.34 6.45
CA HIS A 644 0.51 10.86 7.11
C HIS A 644 1.42 11.51 6.07
N GLY A 645 1.47 10.92 4.87
CA GLY A 645 2.21 11.51 3.75
C GLY A 645 1.62 12.85 3.32
N ALA A 646 0.29 12.92 3.20
CA ALA A 646 -0.36 14.18 2.88
C ALA A 646 0.00 15.22 3.95
N LEU A 647 -0.11 14.82 5.21
CA LEU A 647 0.16 15.72 6.32
C LEU A 647 1.60 16.24 6.26
N LEU A 648 2.56 15.33 6.11
CA LEU A 648 3.97 15.71 6.09
C LEU A 648 4.26 16.63 4.90
N SER A 649 3.60 16.37 3.77
CA SER A 649 3.77 17.19 2.57
C SER A 649 3.34 18.64 2.83
N GLY A 650 2.19 18.81 3.49
CA GLY A 650 1.72 20.10 3.96
C GLY A 650 2.72 20.79 4.89
N LEU A 651 3.28 20.07 5.86
CA LEU A 651 4.23 20.66 6.80
C LEU A 651 5.47 21.14 6.04
N ARG A 652 5.88 20.34 5.05
CA ARG A 652 7.05 20.62 4.23
C ARG A 652 6.87 21.95 3.48
N GLU A 653 5.75 22.07 2.76
CA GLU A 653 5.53 23.24 1.92
C GLU A 653 5.36 24.49 2.78
N ALA A 654 4.66 24.37 3.90
CA ALA A 654 4.52 25.49 4.82
C ALA A 654 5.90 26.02 5.21
N GLY A 655 6.82 25.08 5.48
CA GLY A 655 8.17 25.41 5.87
C GLY A 655 8.93 26.13 4.75
N ARG A 656 8.75 25.65 3.51
CA ARG A 656 9.44 26.21 2.36
C ARG A 656 8.86 27.59 2.03
N ILE A 657 7.54 27.75 2.14
CA ILE A 657 6.88 29.01 1.82
C ILE A 657 7.30 30.10 2.82
N ALA A 658 7.31 29.74 4.11
CA ALA A 658 7.72 30.66 5.16
C ALA A 658 9.20 31.04 4.97
N ASP A 659 10.04 30.05 4.65
CA ASP A 659 11.45 30.33 4.41
C ASP A 659 11.57 31.40 3.31
N GLN A 660 10.74 31.28 2.27
CA GLN A 660 10.83 32.13 1.10
C GLN A 660 10.39 33.56 1.43
N PHE A 661 9.29 33.69 2.19
CA PHE A 661 8.62 34.97 2.33
C PHE A 661 8.93 35.64 3.66
N LEU A 662 9.14 34.86 4.72
CA LEU A 662 9.35 35.40 6.05
C LEU A 662 10.84 35.39 6.40
N GLY A 663 11.60 34.56 5.69
CA GLY A 663 13.02 34.38 5.98
C GLY A 663 13.24 33.48 7.18
#